data_4E8S
# 
_entry.id   4E8S 
# 
_audit_conform.dict_name       mmcif_pdbx.dic 
_audit_conform.dict_version    5.387 
_audit_conform.dict_location   http://mmcif.pdb.org/dictionaries/ascii/mmcif_pdbx.dic 
# 
loop_
_database_2.database_id 
_database_2.database_code 
_database_2.pdbx_database_accession 
_database_2.pdbx_DOI 
PDB   4E8S         pdb_00004e8s 10.2210/pdb4e8s/pdb 
NDB   NA1694       ?            ?                   
RCSB  RCSB071312   ?            ?                   
WWPDB D_1000071312 ?            ?                   
# 
loop_
_pdbx_audit_revision_history.ordinal 
_pdbx_audit_revision_history.data_content_type 
_pdbx_audit_revision_history.major_revision 
_pdbx_audit_revision_history.minor_revision 
_pdbx_audit_revision_history.revision_date 
1 'Structure model' 1 0 2013-03-20 
2 'Structure model' 1 1 2015-05-13 
3 'Structure model' 1 2 2017-03-08 
4 'Structure model' 1 3 2017-11-15 
5 'Structure model' 1 4 2024-02-28 
# 
_pdbx_audit_revision_details.ordinal             1 
_pdbx_audit_revision_details.revision_ordinal    1 
_pdbx_audit_revision_details.data_content_type   'Structure model' 
_pdbx_audit_revision_details.provider            repository 
_pdbx_audit_revision_details.type                'Initial release' 
_pdbx_audit_revision_details.description         ? 
_pdbx_audit_revision_details.details             ? 
# 
loop_
_pdbx_audit_revision_group.ordinal 
_pdbx_audit_revision_group.revision_ordinal 
_pdbx_audit_revision_group.data_content_type 
_pdbx_audit_revision_group.group 
1 2 'Structure model' 'Database references'    
2 3 'Structure model' Other                    
3 4 'Structure model' 'Refinement description' 
4 5 'Structure model' 'Data collection'        
5 5 'Structure model' 'Database references'    
6 5 'Structure model' 'Derived calculations'   
# 
loop_
_pdbx_audit_revision_category.ordinal 
_pdbx_audit_revision_category.revision_ordinal 
_pdbx_audit_revision_category.data_content_type 
_pdbx_audit_revision_category.category 
1 4 'Structure model' software               
2 5 'Structure model' chem_comp_atom         
3 5 'Structure model' chem_comp_bond         
4 5 'Structure model' database_2             
5 5 'Structure model' pdbx_struct_conn_angle 
6 5 'Structure model' struct_conn            
7 5 'Structure model' struct_site            
# 
loop_
_pdbx_audit_revision_item.ordinal 
_pdbx_audit_revision_item.revision_ordinal 
_pdbx_audit_revision_item.data_content_type 
_pdbx_audit_revision_item.item 
1  4 'Structure model' '_software.classification'                    
2  4 'Structure model' '_software.name'                              
3  4 'Structure model' '_software.version'                           
4  5 'Structure model' '_database_2.pdbx_DOI'                        
5  5 'Structure model' '_database_2.pdbx_database_accession'         
6  5 'Structure model' '_pdbx_struct_conn_angle.ptnr1_auth_comp_id'  
7  5 'Structure model' '_pdbx_struct_conn_angle.ptnr1_auth_seq_id'   
8  5 'Structure model' '_pdbx_struct_conn_angle.ptnr1_label_asym_id' 
9  5 'Structure model' '_pdbx_struct_conn_angle.ptnr1_label_atom_id' 
10 5 'Structure model' '_pdbx_struct_conn_angle.ptnr1_label_comp_id' 
11 5 'Structure model' '_pdbx_struct_conn_angle.ptnr1_label_seq_id'  
12 5 'Structure model' '_pdbx_struct_conn_angle.ptnr3_auth_comp_id'  
13 5 'Structure model' '_pdbx_struct_conn_angle.ptnr3_auth_seq_id'   
14 5 'Structure model' '_pdbx_struct_conn_angle.ptnr3_label_asym_id' 
15 5 'Structure model' '_pdbx_struct_conn_angle.ptnr3_label_atom_id' 
16 5 'Structure model' '_pdbx_struct_conn_angle.ptnr3_label_comp_id' 
17 5 'Structure model' '_pdbx_struct_conn_angle.ptnr3_label_seq_id'  
18 5 'Structure model' '_pdbx_struct_conn_angle.value'               
19 5 'Structure model' '_struct_conn.pdbx_dist_value'                
20 5 'Structure model' '_struct_conn.ptnr1_auth_comp_id'             
21 5 'Structure model' '_struct_conn.ptnr1_auth_seq_id'              
22 5 'Structure model' '_struct_conn.ptnr1_label_asym_id'            
23 5 'Structure model' '_struct_conn.ptnr1_label_atom_id'            
24 5 'Structure model' '_struct_conn.ptnr1_label_comp_id'            
25 5 'Structure model' '_struct_conn.ptnr1_label_seq_id'             
26 5 'Structure model' '_struct_conn.ptnr2_auth_comp_id'             
27 5 'Structure model' '_struct_conn.ptnr2_auth_seq_id'              
28 5 'Structure model' '_struct_conn.ptnr2_label_asym_id'            
29 5 'Structure model' '_struct_conn.ptnr2_label_atom_id'            
30 5 'Structure model' '_struct_conn.ptnr2_label_comp_id'            
31 5 'Structure model' '_struct_conn.ptnr2_label_seq_id'             
32 5 'Structure model' '_struct_site.pdbx_auth_asym_id'              
33 5 'Structure model' '_struct_site.pdbx_auth_comp_id'              
34 5 'Structure model' '_struct_site.pdbx_auth_seq_id'               
# 
_pdbx_database_PDB_obs_spr.id               SPRSDE 
_pdbx_database_PDB_obs_spr.date             2017-03-08 
_pdbx_database_PDB_obs_spr.pdb_id           4E8S 
_pdbx_database_PDB_obs_spr.replace_pdb_id   4DX4 
_pdbx_database_PDB_obs_spr.details          ? 
# 
_pdbx_database_status.status_code                     REL 
_pdbx_database_status.entry_id                        4E8S 
_pdbx_database_status.recvd_initial_deposition_date   2012-03-20 
_pdbx_database_status.deposit_site                    RCSB 
_pdbx_database_status.process_site                    RCSB 
_pdbx_database_status.status_code_sf                  REL 
_pdbx_database_status.status_code_mr                  ? 
_pdbx_database_status.SG_entry                        ? 
_pdbx_database_status.status_code_cs                  ? 
_pdbx_database_status.methods_development_category    ? 
_pdbx_database_status.pdb_format_compatible           Y 
_pdbx_database_status.status_code_nmr_data            ? 
# 
loop_
_pdbx_database_related.db_name 
_pdbx_database_related.db_id 
_pdbx_database_related.details 
_pdbx_database_related.content_type 
PDB 4DX4 'Lower resolution model' unspecified 
PDB 4E7Y .                        unspecified 
PDB 4E87 .                        unspecified 
PDB 4E8X .                        unspecified 
PDB 4E95 .                        unspecified 
# 
loop_
_audit_author.name 
_audit_author.pdbx_ordinal 
'Hall, J.P.'   1 
'Cardin, C.J.' 2 
# 
_citation.id                        primary 
_citation.title                     
'The Structural Effect of Methyl Substitution on the Binding of Polypyridyl Ru dppz Complexes to DNA' 
_citation.journal_abbrev            Organometallics 
_citation.journal_volume            ? 
_citation.page_first                ? 
_citation.page_last                 ? 
_citation.year                      2015 
_citation.journal_id_ASTM           ? 
_citation.country                   US 
_citation.journal_id_ISSN           0276-7333 
_citation.journal_id_CSD            ? 
_citation.book_publisher            ? 
_citation.pdbx_database_id_PubMed   ? 
_citation.pdbx_database_id_DOI      10.1021/om501208x 
# 
loop_
_citation_author.citation_id 
_citation_author.name 
_citation_author.ordinal 
_citation_author.identifier_ORCID 
primary 'Hall, J.P.'   1 ? 
primary 'Beer, H.'     2 ? 
primary 'Buchner, K.'  3 ? 
primary 'Cardin, D.J.' 4 ? 
primary 'Cardin, C.J.' 5 ? 
# 
loop_
_entity.id 
_entity.type 
_entity.src_method 
_entity.pdbx_description 
_entity.formula_weight 
_entity.pdbx_number_of_molecules 
_entity.pdbx_ec 
_entity.pdbx_mutation 
_entity.pdbx_fragment 
_entity.details 
1 polymer     syn "5'-D(*TP*CP*GP*GP*CP*GP*CP*CP*GP*A)-3'" 3045.992 1   ? ? ? ? 
2 non-polymer syn 'BARIUM ION' 137.327  1   ? ? ? ? 
3 non-polymer syn 
"(11,12-dimethyldipyrido[3,2-a:2',3'-c]phenazine-kappa~2~N~4~,N~5~)[bis(pyrazino[2,3-f]quinoxaline-kappa~2~N~1~,N~10~)]ruthenium(2+)" 
775.785  1   ? ? ? ? 
4 non-polymer syn 'CHLORIDE ION' 35.453   1   ? ? ? ? 
5 water       nat water 18.015   101 ? ? ? ? 
# 
_entity_poly.entity_id                      1 
_entity_poly.type                           polydeoxyribonucleotide 
_entity_poly.nstd_linkage                   no 
_entity_poly.nstd_monomer                   no 
_entity_poly.pdbx_seq_one_letter_code       '(DT)(DC)(DG)(DG)(DC)(DG)(DC)(DC)(DG)(DA)' 
_entity_poly.pdbx_seq_one_letter_code_can   TCGGCGCCGA 
_entity_poly.pdbx_strand_id                 A 
_entity_poly.pdbx_target_identifier         ? 
# 
loop_
_pdbx_entity_nonpoly.entity_id 
_pdbx_entity_nonpoly.name 
_pdbx_entity_nonpoly.comp_id 
2 'BARIUM ION' BA  
3 
"(11,12-dimethyldipyrido[3,2-a:2',3'-c]phenazine-kappa~2~N~4~,N~5~)[bis(pyrazino[2,3-f]quinoxaline-kappa~2~N~1~,N~10~)]ruthenium(2+)" 
RML 
4 'CHLORIDE ION' CL  
5 water HOH 
# 
loop_
_entity_poly_seq.entity_id 
_entity_poly_seq.num 
_entity_poly_seq.mon_id 
_entity_poly_seq.hetero 
1 1  DT n 
1 2  DC n 
1 3  DG n 
1 4  DG n 
1 5  DC n 
1 6  DG n 
1 7  DC n 
1 8  DC n 
1 9  DG n 
1 10 DA n 
# 
_pdbx_entity_src_syn.entity_id              1 
_pdbx_entity_src_syn.pdbx_src_id            1 
_pdbx_entity_src_syn.pdbx_alt_source_flag   sample 
_pdbx_entity_src_syn.pdbx_beg_seq_num       ? 
_pdbx_entity_src_syn.pdbx_end_seq_num       ? 
_pdbx_entity_src_syn.organism_scientific    ? 
_pdbx_entity_src_syn.organism_common_name   ? 
_pdbx_entity_src_syn.ncbi_taxonomy_id       ? 
_pdbx_entity_src_syn.details                'DNA Purchased from ATDBio' 
# 
loop_
_chem_comp.id 
_chem_comp.type 
_chem_comp.mon_nstd_flag 
_chem_comp.name 
_chem_comp.pdbx_synonyms 
_chem_comp.formula 
_chem_comp.formula_weight 
BA  non-polymer   . 'BARIUM ION' ?                                                                                'Ba 2' 137.327 
CL  non-polymer   . 'CHLORIDE ION' ?                                                                                'Cl -1' 35.453 
DA  'DNA linking' y "2'-DEOXYADENOSINE-5'-MONOPHOSPHATE" ? 'C10 H14 N5 O6 P'  331.222 
DC  'DNA linking' y "2'-DEOXYCYTIDINE-5'-MONOPHOSPHATE" ? 'C9 H14 N3 O7 P'   307.197 
DG  'DNA linking' y "2'-DEOXYGUANOSINE-5'-MONOPHOSPHATE" ? 'C10 H14 N5 O7 P'  347.221 
DT  'DNA linking' y "THYMIDINE-5'-MONOPHOSPHATE" ?                                                                                
'C10 H15 N2 O8 P'  322.208 
HOH non-polymer   . WATER ?                                                                                'H2 O'             
18.015  
RML non-polymer   . 
"(11,12-dimethyldipyrido[3,2-a:2',3'-c]phenazine-kappa~2~N~4~,N~5~)[bis(pyrazino[2,3-f]quinoxaline-kappa~2~N~1~,N~10~)]ruthenium(2+)" 
'Lambda-[Ru(1,4,5,8-tetraazaphenanthrene)2(11,12-dimethyl-dipyridophenazine)]2+' 'C40 H26 N12 Ru 2' 775.785 
# 
loop_
_pdbx_poly_seq_scheme.asym_id 
_pdbx_poly_seq_scheme.entity_id 
_pdbx_poly_seq_scheme.seq_id 
_pdbx_poly_seq_scheme.mon_id 
_pdbx_poly_seq_scheme.ndb_seq_num 
_pdbx_poly_seq_scheme.pdb_seq_num 
_pdbx_poly_seq_scheme.auth_seq_num 
_pdbx_poly_seq_scheme.pdb_mon_id 
_pdbx_poly_seq_scheme.auth_mon_id 
_pdbx_poly_seq_scheme.pdb_strand_id 
_pdbx_poly_seq_scheme.pdb_ins_code 
_pdbx_poly_seq_scheme.hetero 
A 1 1  DT 1  1  1  DT DT A . n 
A 1 2  DC 2  2  2  DC DC A . n 
A 1 3  DG 3  3  3  DG DG A . n 
A 1 4  DG 4  4  4  DG DG A . n 
A 1 5  DC 5  5  5  DC DC A . n 
A 1 6  DG 6  6  6  DG DG A . n 
A 1 7  DC 7  7  7  DC DC A . n 
A 1 8  DC 8  8  8  DC DC A . n 
A 1 9  DG 9  9  9  DG DG A . n 
A 1 10 DA 10 10 10 DA DA A . n 
# 
loop_
_pdbx_nonpoly_scheme.asym_id 
_pdbx_nonpoly_scheme.entity_id 
_pdbx_nonpoly_scheme.mon_id 
_pdbx_nonpoly_scheme.ndb_seq_num 
_pdbx_nonpoly_scheme.pdb_seq_num 
_pdbx_nonpoly_scheme.auth_seq_num 
_pdbx_nonpoly_scheme.pdb_mon_id 
_pdbx_nonpoly_scheme.auth_mon_id 
_pdbx_nonpoly_scheme.pdb_strand_id 
_pdbx_nonpoly_scheme.pdb_ins_code 
B 2 BA  1   101 1   BA  BA  A . 
C 3 RML 1   102 1   RML RML A . 
D 4 CL  1   103 1   CL  CL  A . 
E 5 HOH 1   201 1   HOH HOH A . 
E 5 HOH 2   202 2   HOH HOH A . 
E 5 HOH 3   203 3   HOH HOH A . 
E 5 HOH 4   204 4   HOH HOH A . 
E 5 HOH 5   205 5   HOH HOH A . 
E 5 HOH 6   206 6   HOH HOH A . 
E 5 HOH 7   207 7   HOH HOH A . 
E 5 HOH 8   208 8   HOH HOH A . 
E 5 HOH 9   209 12  HOH HOH A . 
E 5 HOH 10  210 13  HOH HOH A . 
E 5 HOH 11  211 14  HOH HOH A . 
E 5 HOH 12  212 15  HOH HOH A . 
E 5 HOH 13  213 16  HOH HOH A . 
E 5 HOH 14  214 17  HOH HOH A . 
E 5 HOH 15  215 18  HOH HOH A . 
E 5 HOH 16  216 19  HOH HOH A . 
E 5 HOH 17  217 20  HOH HOH A . 
E 5 HOH 18  218 21  HOH HOH A . 
E 5 HOH 19  219 22  HOH HOH A . 
E 5 HOH 20  220 23  HOH HOH A . 
E 5 HOH 21  221 24  HOH HOH A . 
E 5 HOH 22  222 25  HOH HOH A . 
E 5 HOH 23  223 26  HOH HOH A . 
E 5 HOH 24  224 27  HOH HOH A . 
E 5 HOH 25  225 28  HOH HOH A . 
E 5 HOH 26  226 29  HOH HOH A . 
E 5 HOH 27  227 30  HOH HOH A . 
E 5 HOH 28  228 31  HOH HOH A . 
E 5 HOH 29  229 33  HOH HOH A . 
E 5 HOH 30  230 34  HOH HOH A . 
E 5 HOH 31  231 37  HOH HOH A . 
E 5 HOH 32  232 38  HOH HOH A . 
E 5 HOH 33  233 39  HOH HOH A . 
E 5 HOH 34  234 41  HOH HOH A . 
E 5 HOH 35  235 42  HOH HOH A . 
E 5 HOH 36  236 43  HOH HOH A . 
E 5 HOH 37  237 44  HOH HOH A . 
E 5 HOH 38  238 45  HOH HOH A . 
E 5 HOH 39  239 46  HOH HOH A . 
E 5 HOH 40  240 48  HOH HOH A . 
E 5 HOH 41  241 49  HOH HOH A . 
E 5 HOH 42  242 50  HOH HOH A . 
E 5 HOH 43  243 51  HOH HOH A . 
E 5 HOH 44  244 52  HOH HOH A . 
E 5 HOH 45  245 53  HOH HOH A . 
E 5 HOH 46  246 54  HOH HOH A . 
E 5 HOH 47  247 55  HOH HOH A . 
E 5 HOH 48  248 56  HOH HOH A . 
E 5 HOH 49  249 57  HOH HOH A . 
E 5 HOH 50  250 58  HOH HOH A . 
E 5 HOH 51  251 60  HOH HOH A . 
E 5 HOH 52  252 61  HOH HOH A . 
E 5 HOH 53  253 62  HOH HOH A . 
E 5 HOH 54  254 64  HOH HOH A . 
E 5 HOH 55  255 67  HOH HOH A . 
E 5 HOH 56  256 68  HOH HOH A . 
E 5 HOH 57  257 69  HOH HOH A . 
E 5 HOH 58  258 71  HOH HOH A . 
E 5 HOH 59  259 72  HOH HOH A . 
E 5 HOH 60  260 73  HOH HOH A . 
E 5 HOH 61  261 75  HOH HOH A . 
E 5 HOH 62  262 77  HOH HOH A . 
E 5 HOH 63  263 78  HOH HOH A . 
E 5 HOH 64  264 79  HOH HOH A . 
E 5 HOH 65  265 81  HOH HOH A . 
E 5 HOH 66  266 82  HOH HOH A . 
E 5 HOH 67  267 83  HOH HOH A . 
E 5 HOH 68  268 85  HOH HOH A . 
E 5 HOH 69  269 86  HOH HOH A . 
E 5 HOH 70  270 89  HOH HOH A . 
E 5 HOH 71  271 99  HOH HOH A . 
E 5 HOH 72  272 112 HOH HOH A . 
E 5 HOH 73  273 115 HOH HOH A . 
E 5 HOH 74  274 116 HOH HOH A . 
E 5 HOH 75  275 118 HOH HOH A . 
E 5 HOH 76  276 119 HOH HOH A . 
E 5 HOH 77  277 120 HOH HOH A . 
E 5 HOH 78  278 121 HOH HOH A . 
E 5 HOH 79  279 122 HOH HOH A . 
E 5 HOH 80  280 123 HOH HOH A . 
E 5 HOH 81  281 124 HOH HOH A . 
E 5 HOH 82  282 125 HOH HOH A . 
E 5 HOH 83  283 126 HOH HOH A . 
E 5 HOH 84  284 127 HOH HOH A . 
E 5 HOH 85  285 128 HOH HOH A . 
E 5 HOH 86  286 129 HOH HOH A . 
E 5 HOH 87  287 130 HOH HOH A . 
E 5 HOH 88  288 131 HOH HOH A . 
E 5 HOH 89  289 132 HOH HOH A . 
E 5 HOH 90  290 133 HOH HOH A . 
E 5 HOH 91  291 134 HOH HOH A . 
E 5 HOH 92  292 135 HOH HOH A . 
E 5 HOH 93  293 136 HOH HOH A . 
E 5 HOH 94  294 137 HOH HOH A . 
E 5 HOH 95  295 138 HOH HOH A . 
E 5 HOH 96  296 139 HOH HOH A . 
E 5 HOH 97  297 140 HOH HOH A . 
E 5 HOH 98  298 141 HOH HOH A . 
E 5 HOH 99  299 142 HOH HOH A . 
E 5 HOH 100 300 143 HOH HOH A . 
E 5 HOH 101 301 144 HOH HOH A . 
# 
loop_
_software.name 
_software.classification 
_software.version 
_software.citation_id 
_software.pdbx_ordinal 
GDA     'data collection' .        ? 1 
SHELXCD phasing           .        ? 2 
SHELXE  'model building'  .        ? 3 
REFMAC  refinement        5.6.0117 ? 4 
XDS     'data reduction'  .        ? 5 
SCALA   'data scaling'    .        ? 6 
# 
_cell.entry_id           4E8S 
_cell.length_a           42.400 
_cell.length_b           42.400 
_cell.length_c           39.670 
_cell.angle_alpha        90.00 
_cell.angle_beta         90.00 
_cell.angle_gamma        90.00 
_cell.Z_PDB              8 
_cell.pdbx_unique_axis   ? 
_cell.length_a_esd       ? 
_cell.length_b_esd       ? 
_cell.length_c_esd       ? 
_cell.angle_alpha_esd    ? 
_cell.angle_beta_esd     ? 
_cell.angle_gamma_esd    ? 
# 
_symmetry.entry_id                         4E8S 
_symmetry.space_group_name_H-M             'P 43 21 2' 
_symmetry.pdbx_full_space_group_name_H-M   ? 
_symmetry.cell_setting                     ? 
_symmetry.Int_Tables_number                96 
_symmetry.space_group_name_Hall            ? 
# 
_exptl.entry_id          4E8S 
_exptl.method            'X-RAY DIFFRACTION' 
_exptl.crystals_number   1 
# 
_exptl_crystal.id                    1 
_exptl_crystal.density_meas          ? 
_exptl_crystal.density_Matthews      2.93 
_exptl_crystal.density_percent_sol   57.97 
_exptl_crystal.description           ? 
_exptl_crystal.F_000                 ? 
_exptl_crystal.preparation           ? 
# 
_exptl_crystal_grow.crystal_id      1 
_exptl_crystal_grow.method          'VAPOR DIFFUSION, SITTING DROP' 
_exptl_crystal_grow.temp            277 
_exptl_crystal_grow.temp_details    ? 
_exptl_crystal_grow.pH              6 
_exptl_crystal_grow.pdbx_details    
;1ul 2mM DNA, 1ul 2mM Lambda-[Ru(TAP)2(dppz-(Me2))]Cl2, 6ul 10% 2-methyl-2,4-pentanediol, 40mM sodium cacodylate, 12mM spermine tetra-HCl, 80mM potassium chloride, 20mM barium chloride, VAPOR DIFFUSION, SITTING DROP, temperature 277K
;
_exptl_crystal_grow.pdbx_pH_range   ? 
# 
_diffrn.id                     1 
_diffrn.ambient_temp           100 
_diffrn.ambient_temp_details   ? 
_diffrn.crystal_id             1 
# 
_diffrn_detector.diffrn_id              1 
_diffrn_detector.detector               CCD 
_diffrn_detector.type                   'ADSC QUANTUM 315r' 
_diffrn_detector.pdbx_collection_date   2012-03-13 
_diffrn_detector.details                ? 
# 
_diffrn_radiation.diffrn_id                        1 
_diffrn_radiation.wavelength_id                    1 
_diffrn_radiation.pdbx_monochromatic_or_laue_m_l   M 
_diffrn_radiation.monochromator                    'Dual Crystal Si(111)' 
_diffrn_radiation.pdbx_diffrn_protocol             'SINGLE WAVELENGTH' 
_diffrn_radiation.pdbx_scattering_type             x-ray 
# 
_diffrn_radiation_wavelength.id           1 
_diffrn_radiation_wavelength.wavelength   0.9795 
_diffrn_radiation_wavelength.wt           1.0 
# 
_diffrn_source.diffrn_id                   1 
_diffrn_source.source                      SYNCHROTRON 
_diffrn_source.type                        'DIAMOND BEAMLINE I02' 
_diffrn_source.pdbx_synchrotron_site       Diamond 
_diffrn_source.pdbx_synchrotron_beamline   I02 
_diffrn_source.pdbx_wavelength             ? 
_diffrn_source.pdbx_wavelength_list        0.9795 
# 
_reflns.entry_id                     4E8S 
_reflns.observed_criterion_sigma_I   ? 
_reflns.observed_criterion_sigma_F   ? 
_reflns.d_resolution_low             42.40 
_reflns.d_resolution_high            1.24 
_reflns.number_obs                   10743 
_reflns.number_all                   10753 
_reflns.percent_possible_obs         99.9 
_reflns.pdbx_Rmerge_I_obs            ? 
_reflns.pdbx_Rsym_value              ? 
_reflns.pdbx_netI_over_sigmaI        ? 
_reflns.B_iso_Wilson_estimate        ? 
_reflns.pdbx_redundancy              ? 
_reflns.R_free_details               ? 
_reflns.limit_h_max                  ? 
_reflns.limit_h_min                  ? 
_reflns.limit_k_max                  ? 
_reflns.limit_k_min                  ? 
_reflns.limit_l_max                  ? 
_reflns.limit_l_min                  ? 
_reflns.observed_criterion_F_max     ? 
_reflns.observed_criterion_F_min     ? 
_reflns.pdbx_chi_squared             ? 
_reflns.pdbx_scaling_rejects         ? 
_reflns.pdbx_ordinal                 1 
_reflns.pdbx_diffrn_id               1 
# 
_reflns_shell.d_res_high             1.24 
_reflns_shell.d_res_low              1.27 
_reflns_shell.percent_possible_all   100 
_reflns_shell.Rmerge_I_obs           ? 
_reflns_shell.pdbx_Rsym_value        ? 
_reflns_shell.meanI_over_sigI_obs    ? 
_reflns_shell.pdbx_redundancy        ? 
_reflns_shell.percent_possible_obs   ? 
_reflns_shell.number_unique_all      ? 
_reflns_shell.number_measured_all    ? 
_reflns_shell.number_measured_obs    ? 
_reflns_shell.number_unique_obs      ? 
_reflns_shell.pdbx_chi_squared       ? 
_reflns_shell.pdbx_ordinal           1 
_reflns_shell.pdbx_diffrn_id         1 
# 
_refine.entry_id                                 4E8S 
_refine.ls_number_reflns_obs                     10212 
_refine.ls_number_reflns_all                     10216 
_refine.pdbx_ls_sigma_I                          ? 
_refine.pdbx_ls_sigma_F                          . 
_refine.pdbx_data_cutoff_high_absF               ? 
_refine.pdbx_data_cutoff_low_absF                ? 
_refine.pdbx_data_cutoff_high_rms_absF           ? 
_refine.ls_d_res_low                             29.98 
_refine.ls_d_res_high                            1.24 
_refine.ls_percent_reflns_obs                    99.96 
_refine.ls_R_factor_obs                          0.10444 
_refine.ls_R_factor_all                          ? 
_refine.ls_R_factor_R_work                       0.10321 
_refine.ls_R_factor_R_free                       0.12850 
_refine.ls_R_factor_R_free_error                 ? 
_refine.ls_R_factor_R_free_error_details         ? 
_refine.ls_percent_reflns_R_free                 4.8 
_refine.ls_number_reflns_R_free                  511 
_refine.ls_number_parameters                     ? 
_refine.ls_number_restraints                     ? 
_refine.occupancy_min                            ? 
_refine.occupancy_max                            ? 
_refine.correlation_coeff_Fo_to_Fc               0.984 
_refine.correlation_coeff_Fo_to_Fc_free          0.977 
_refine.B_iso_mean                               17.917 
_refine.aniso_B[1][1]                            0.45 
_refine.aniso_B[2][2]                            0.45 
_refine.aniso_B[3][3]                            -0.90 
_refine.aniso_B[1][2]                            0.00 
_refine.aniso_B[1][3]                            -0.00 
_refine.aniso_B[2][3]                            0.00 
_refine.solvent_model_details                    'BABINET MODEL WITH MASK' 
_refine.solvent_model_param_ksol                 ? 
_refine.solvent_model_param_bsol                 ? 
_refine.pdbx_solvent_vdw_probe_radii             1.20 
_refine.pdbx_solvent_ion_probe_radii             0.80 
_refine.pdbx_solvent_shrinkage_radii             0.80 
_refine.pdbx_ls_cross_valid_method               THROUGHOUT 
_refine.details                                  'HYDROGENS HAVE BEEN ADDED IN THE RIDING POSITIONS' 
_refine.pdbx_starting_model                      ? 
_refine.pdbx_method_to_determine_struct          SAD 
_refine.pdbx_isotropic_thermal_model             ? 
_refine.pdbx_stereochemistry_target_values       'MAXIMUM LIKELIHOOD WITH PHASES' 
_refine.pdbx_stereochem_target_val_spec_case     ? 
_refine.pdbx_R_Free_selection_details            RANDOM 
_refine.pdbx_overall_ESU_R                       0.029 
_refine.pdbx_overall_ESU_R_Free                  0.030 
_refine.overall_SU_ML                            0.018 
_refine.pdbx_overall_phase_error                 ? 
_refine.overall_SU_B                             0.871 
_refine.overall_SU_R_Cruickshank_DPI             ? 
_refine.ls_redundancy_reflns_obs                 ? 
_refine.B_iso_min                                ? 
_refine.B_iso_max                                ? 
_refine.overall_SU_R_free                        ? 
_refine.ls_wR_factor_R_free                      ? 
_refine.ls_wR_factor_R_work                      ? 
_refine.overall_FOM_free_R_set                   ? 
_refine.overall_FOM_work_R_set                   ? 
_refine.pdbx_diffrn_id                           1 
_refine.pdbx_refine_id                           'X-RAY DIFFRACTION' 
_refine.pdbx_TLS_residual_ADP_flag               ? 
_refine.pdbx_overall_SU_R_free_Cruickshank_DPI   ? 
_refine.pdbx_overall_SU_R_Blow_DPI               ? 
_refine.pdbx_overall_SU_R_free_Blow_DPI          ? 
# 
_refine_hist.pdbx_refine_id                   'X-RAY DIFFRACTION' 
_refine_hist.cycle_id                         LAST 
_refine_hist.pdbx_number_atoms_protein        0 
_refine_hist.pdbx_number_atoms_nucleic_acid   202 
_refine_hist.pdbx_number_atoms_ligand         55 
_refine_hist.number_atoms_solvent             101 
_refine_hist.number_atoms_total               358 
_refine_hist.d_res_high                       1.24 
_refine_hist.d_res_low                        29.98 
# 
loop_
_refine_ls_restr.type 
_refine_ls_restr.dev_ideal 
_refine_ls_restr.dev_ideal_target 
_refine_ls_restr.weight 
_refine_ls_restr.number 
_refine_ls_restr.pdbx_restraint_function 
_refine_ls_restr.pdbx_refine_id 
r_bond_refined_d             0.038  0.013 ? 292 ? 'X-RAY DIFFRACTION' 
r_bond_other_d               0.003  0.020 ? 129 ? 'X-RAY DIFFRACTION' 
r_angle_refined_deg          2.845  1.751 ? 460 ? 'X-RAY DIFFRACTION' 
r_angle_other_deg            2.440  3.000 ? 298 ? 'X-RAY DIFFRACTION' 
r_dihedral_angle_1_deg       ?      ?     ? ?   ? 'X-RAY DIFFRACTION' 
r_dihedral_angle_2_deg       ?      ?     ? ?   ? 'X-RAY DIFFRACTION' 
r_dihedral_angle_3_deg       ?      ?     ? ?   ? 'X-RAY DIFFRACTION' 
r_dihedral_angle_4_deg       ?      ?     ? ?   ? 'X-RAY DIFFRACTION' 
r_chiral_restr               0.120  0.200 ? 30  ? 'X-RAY DIFFRACTION' 
r_gen_planes_refined         0.037  0.020 ? 178 ? 'X-RAY DIFFRACTION' 
r_gen_planes_other           0.008  0.020 ? 76  ? 'X-RAY DIFFRACTION' 
r_nbd_refined                ?      ?     ? ?   ? 'X-RAY DIFFRACTION' 
r_nbd_other                  ?      ?     ? ?   ? 'X-RAY DIFFRACTION' 
r_nbtor_refined              ?      ?     ? ?   ? 'X-RAY DIFFRACTION' 
r_nbtor_other                ?      ?     ? ?   ? 'X-RAY DIFFRACTION' 
r_xyhbond_nbd_refined        ?      ?     ? ?   ? 'X-RAY DIFFRACTION' 
r_xyhbond_nbd_other          ?      ?     ? ?   ? 'X-RAY DIFFRACTION' 
r_metal_ion_refined          ?      ?     ? ?   ? 'X-RAY DIFFRACTION' 
r_metal_ion_other            ?      ?     ? ?   ? 'X-RAY DIFFRACTION' 
r_symmetry_vdw_refined       ?      ?     ? ?   ? 'X-RAY DIFFRACTION' 
r_symmetry_vdw_other         ?      ?     ? ?   ? 'X-RAY DIFFRACTION' 
r_symmetry_hbond_refined     ?      ?     ? ?   ? 'X-RAY DIFFRACTION' 
r_symmetry_hbond_other       ?      ?     ? ?   ? 'X-RAY DIFFRACTION' 
r_symmetry_metal_ion_refined ?      ?     ? ?   ? 'X-RAY DIFFRACTION' 
r_symmetry_metal_ion_other   ?      ?     ? ?   ? 'X-RAY DIFFRACTION' 
r_mcbond_it                  ?      ?     ? ?   ? 'X-RAY DIFFRACTION' 
r_mcbond_other               ?      ?     ? ?   ? 'X-RAY DIFFRACTION' 
r_mcangle_it                 ?      ?     ? ?   ? 'X-RAY DIFFRACTION' 
r_scbond_it                  ?      ?     ? ?   ? 'X-RAY DIFFRACTION' 
r_scangle_it                 ?      ?     ? ?   ? 'X-RAY DIFFRACTION' 
r_rigid_bond_restr           9.462  3.000 ? 267 ? 'X-RAY DIFFRACTION' 
r_sphericity_free            29.040 5.000 ? 4   ? 'X-RAY DIFFRACTION' 
r_sphericity_bonded          18.469 5.000 ? 306 ? 'X-RAY DIFFRACTION' 
# 
_refine_ls_shell.pdbx_total_number_of_bins_used   20 
_refine_ls_shell.d_res_high                       1.240 
_refine_ls_shell.d_res_low                        1.272 
_refine_ls_shell.number_reflns_R_work             629 
_refine_ls_shell.R_factor_R_work                  0.195 
_refine_ls_shell.percent_reflns_obs               100.00 
_refine_ls_shell.R_factor_R_free                  0.249 
_refine_ls_shell.R_factor_R_free_error            ? 
_refine_ls_shell.percent_reflns_R_free            ? 
_refine_ls_shell.number_reflns_R_free             31 
_refine_ls_shell.number_reflns_all                ? 
_refine_ls_shell.R_factor_all                     ? 
_refine_ls_shell.number_reflns_obs                ? 
_refine_ls_shell.redundancy_reflns_obs            ? 
_refine_ls_shell.pdbx_refine_id                   'X-RAY DIFFRACTION' 
# 
_struct.entry_id                  4E8S 
_struct.title                     'Lambda-[Ru(TAP)2(dppz{Me2}2)]2+ bound to TCGGCGCCGA at high resolution' 
_struct.pdbx_model_details        ? 
_struct.pdbx_CASP_flag            ? 
_struct.pdbx_model_type_details   ? 
# 
_struct_keywords.entry_id        4E8S 
_struct_keywords.pdbx_keywords   DNA 
_struct_keywords.text            'Intercalation, Photoreactive, DNA, Ruthenium complex' 
# 
loop_
_struct_asym.id 
_struct_asym.pdbx_blank_PDB_chainid_flag 
_struct_asym.pdbx_modified 
_struct_asym.entity_id 
_struct_asym.details 
A N N 1 ? 
B N N 2 ? 
C N N 3 ? 
D N N 4 ? 
E N N 5 ? 
# 
_struct_ref.id                         1 
_struct_ref.db_name                    PDB 
_struct_ref.db_code                    4E8S 
_struct_ref.pdbx_db_accession          4E8S 
_struct_ref.entity_id                  1 
_struct_ref.pdbx_align_begin           ? 
_struct_ref.pdbx_seq_one_letter_code   TCGGCGCCGA 
_struct_ref.pdbx_db_isoform            ? 
# 
_struct_ref_seq.align_id                      1 
_struct_ref_seq.ref_id                        1 
_struct_ref_seq.pdbx_PDB_id_code              4E8S 
_struct_ref_seq.pdbx_strand_id                A 
_struct_ref_seq.seq_align_beg                 1 
_struct_ref_seq.pdbx_seq_align_beg_ins_code   ? 
_struct_ref_seq.seq_align_end                 10 
_struct_ref_seq.pdbx_seq_align_end_ins_code   ? 
_struct_ref_seq.pdbx_db_accession             4E8S 
_struct_ref_seq.db_align_beg                  1 
_struct_ref_seq.pdbx_db_align_beg_ins_code    ? 
_struct_ref_seq.db_align_end                  10 
_struct_ref_seq.pdbx_db_align_end_ins_code    ? 
_struct_ref_seq.pdbx_auth_seq_align_beg       1 
_struct_ref_seq.pdbx_auth_seq_align_end       10 
# 
_pdbx_struct_assembly.id                   1 
_pdbx_struct_assembly.details              author_and_software_defined_assembly 
_pdbx_struct_assembly.method_details       PISA 
_pdbx_struct_assembly.oligomeric_details   dimeric 
_pdbx_struct_assembly.oligomeric_count     2 
# 
loop_
_pdbx_struct_assembly_prop.biol_id 
_pdbx_struct_assembly_prop.type 
_pdbx_struct_assembly_prop.value 
_pdbx_struct_assembly_prop.details 
1 'ABSA (A^2)' 760  ? 
1 MORE         -4   ? 
1 'SSA (A^2)'  4260 ? 
# 
_pdbx_struct_assembly_gen.assembly_id       1 
_pdbx_struct_assembly_gen.oper_expression   1,2 
_pdbx_struct_assembly_gen.asym_id_list      A,B,C,D,E 
# 
loop_
_pdbx_struct_oper_list.id 
_pdbx_struct_oper_list.type 
_pdbx_struct_oper_list.name 
_pdbx_struct_oper_list.symmetry_operation 
_pdbx_struct_oper_list.matrix[1][1] 
_pdbx_struct_oper_list.matrix[1][2] 
_pdbx_struct_oper_list.matrix[1][3] 
_pdbx_struct_oper_list.vector[1] 
_pdbx_struct_oper_list.matrix[2][1] 
_pdbx_struct_oper_list.matrix[2][2] 
_pdbx_struct_oper_list.matrix[2][3] 
_pdbx_struct_oper_list.vector[2] 
_pdbx_struct_oper_list.matrix[3][1] 
_pdbx_struct_oper_list.matrix[3][2] 
_pdbx_struct_oper_list.matrix[3][3] 
_pdbx_struct_oper_list.vector[3] 
1 'identity operation'         1_555 x,y,z        1.0000000000  0.0000000000 0.0000000000  0.0000000000  0.0000000000 1.0000000000  0.0000000000  0.0000000000  0.0000000000  0.0000000000  1.0000000000  0.0000000000  
2 'crystal symmetry operation' 8_554 -y,-x,-z-1/2 -0.0464470927 0.7091536902 -0.7035223601 -0.8155472275 0.7091536902 -0.4726050830 -0.5232069181 -1.0687619264 -0.7035223601 -0.5232069181 -0.4809478242 -2.1827080145 
# 
_struct_biol.id        1 
_struct_biol.details   ? 
# 
loop_
_struct_conn.id 
_struct_conn.conn_type_id 
_struct_conn.pdbx_leaving_atom_flag 
_struct_conn.pdbx_PDB_id 
_struct_conn.ptnr1_label_asym_id 
_struct_conn.ptnr1_label_comp_id 
_struct_conn.ptnr1_label_seq_id 
_struct_conn.ptnr1_label_atom_id 
_struct_conn.pdbx_ptnr1_label_alt_id 
_struct_conn.pdbx_ptnr1_PDB_ins_code 
_struct_conn.pdbx_ptnr1_standard_comp_id 
_struct_conn.ptnr1_symmetry 
_struct_conn.ptnr2_label_asym_id 
_struct_conn.ptnr2_label_comp_id 
_struct_conn.ptnr2_label_seq_id 
_struct_conn.ptnr2_label_atom_id 
_struct_conn.pdbx_ptnr2_label_alt_id 
_struct_conn.pdbx_ptnr2_PDB_ins_code 
_struct_conn.ptnr1_auth_asym_id 
_struct_conn.ptnr1_auth_comp_id 
_struct_conn.ptnr1_auth_seq_id 
_struct_conn.ptnr2_auth_asym_id 
_struct_conn.ptnr2_auth_comp_id 
_struct_conn.ptnr2_auth_seq_id 
_struct_conn.ptnr2_symmetry 
_struct_conn.pdbx_ptnr3_label_atom_id 
_struct_conn.pdbx_ptnr3_label_seq_id 
_struct_conn.pdbx_ptnr3_label_comp_id 
_struct_conn.pdbx_ptnr3_label_asym_id 
_struct_conn.pdbx_ptnr3_label_alt_id 
_struct_conn.pdbx_ptnr3_PDB_ins_code 
_struct_conn.details 
_struct_conn.pdbx_dist_value 
_struct_conn.pdbx_value_order 
_struct_conn.pdbx_role 
metalc1  metalc ? ? A DG 3 N7 ? ? ? 1_555 B BA  . BA ? ? A DG 3   A BA  101 1_555 ? ? ? ? ? ? ?            2.975 ? ? 
metalc2  metalc ? ? A DG 4 O6 ? ? ? 1_555 B BA  . BA ? ? A DG 4   A BA  101 1_555 ? ? ? ? ? ? ?            2.862 ? ? 
metalc3  metalc ? ? B BA . BA ? ? ? 1_555 E HOH . O  ? ? A BA 101 A HOH 201 1_555 ? ? ? ? ? ? ?            2.825 ? ? 
metalc4  metalc ? ? B BA . BA ? ? ? 1_555 E HOH . O  ? ? A BA 101 A HOH 202 1_555 ? ? ? ? ? ? ?            2.855 ? ? 
metalc5  metalc ? ? B BA . BA ? ? ? 1_555 E HOH . O  ? ? A BA 101 A HOH 203 1_555 ? ? ? ? ? ? ?            2.804 ? ? 
metalc6  metalc ? ? B BA . BA ? ? ? 1_555 E HOH . O  ? ? A BA 101 A HOH 224 1_555 ? ? ? ? ? ? ?            2.825 ? ? 
metalc7  metalc ? ? B BA . BA ? ? ? 1_555 E HOH . O  ? ? A BA 101 A HOH 231 1_555 ? ? ? ? ? ? ?            2.801 ? ? 
metalc8  metalc ? ? B BA . BA ? ? ? 1_555 E HOH . O  ? ? A BA 101 A HOH 236 1_555 ? ? ? ? ? ? ?            2.796 ? ? 
hydrog1  hydrog ? ? A DC 2 N3 ? ? ? 1_555 A DG  9 N1 ? ? A DC 2   A DG  9   8_554 ? ? ? ? ? ? WATSON-CRICK ?     ? ? 
hydrog2  hydrog ? ? A DC 2 N4 ? ? ? 1_555 A DG  9 O6 ? ? A DC 2   A DG  9   8_554 ? ? ? ? ? ? WATSON-CRICK ?     ? ? 
hydrog3  hydrog ? ? A DC 2 O2 ? ? ? 1_555 A DG  9 N2 ? ? A DC 2   A DG  9   8_554 ? ? ? ? ? ? WATSON-CRICK ?     ? ? 
hydrog4  hydrog ? ? A DG 3 N1 ? ? ? 1_555 A DC  8 N3 ? ? A DG 3   A DC  8   8_554 ? ? ? ? ? ? WATSON-CRICK ?     ? ? 
hydrog5  hydrog ? ? A DG 3 N2 ? ? ? 1_555 A DC  8 O2 ? ? A DG 3   A DC  8   8_554 ? ? ? ? ? ? WATSON-CRICK ?     ? ? 
hydrog6  hydrog ? ? A DG 3 O6 ? ? ? 1_555 A DC  8 N4 ? ? A DG 3   A DC  8   8_554 ? ? ? ? ? ? WATSON-CRICK ?     ? ? 
hydrog7  hydrog ? ? A DG 4 N1 ? ? ? 1_555 A DC  7 N3 ? ? A DG 4   A DC  7   8_554 ? ? ? ? ? ? WATSON-CRICK ?     ? ? 
hydrog8  hydrog ? ? A DG 4 N2 ? ? ? 1_555 A DC  7 O2 ? ? A DG 4   A DC  7   8_554 ? ? ? ? ? ? WATSON-CRICK ?     ? ? 
hydrog9  hydrog ? ? A DG 4 O6 ? ? ? 1_555 A DC  7 N4 ? ? A DG 4   A DC  7   8_554 ? ? ? ? ? ? WATSON-CRICK ?     ? ? 
hydrog10 hydrog ? ? A DC 5 N3 ? ? ? 1_555 A DG  6 N1 ? ? A DC 5   A DG  6   8_554 ? ? ? ? ? ? WATSON-CRICK ?     ? ? 
hydrog11 hydrog ? ? A DC 5 N4 ? ? ? 1_555 A DG  6 O6 ? ? A DC 5   A DG  6   8_554 ? ? ? ? ? ? WATSON-CRICK ?     ? ? 
hydrog12 hydrog ? ? A DC 5 O2 ? ? ? 1_555 A DG  6 N2 ? ? A DC 5   A DG  6   8_554 ? ? ? ? ? ? WATSON-CRICK ?     ? ? 
hydrog13 hydrog ? ? A DG 6 N1 ? ? ? 1_555 A DC  5 N3 ? ? A DG 6   A DC  5   8_554 ? ? ? ? ? ? WATSON-CRICK ?     ? ? 
hydrog14 hydrog ? ? A DG 6 N2 ? ? ? 1_555 A DC  5 O2 ? ? A DG 6   A DC  5   8_554 ? ? ? ? ? ? WATSON-CRICK ?     ? ? 
hydrog15 hydrog ? ? A DG 6 O6 ? ? ? 1_555 A DC  5 N4 ? ? A DG 6   A DC  5   8_554 ? ? ? ? ? ? WATSON-CRICK ?     ? ? 
hydrog16 hydrog ? ? A DC 7 N3 ? ? ? 1_555 A DG  4 N1 ? ? A DC 7   A DG  4   8_554 ? ? ? ? ? ? WATSON-CRICK ?     ? ? 
hydrog17 hydrog ? ? A DC 7 N4 ? ? ? 1_555 A DG  4 O6 ? ? A DC 7   A DG  4   8_554 ? ? ? ? ? ? WATSON-CRICK ?     ? ? 
hydrog18 hydrog ? ? A DC 7 O2 ? ? ? 1_555 A DG  4 N2 ? ? A DC 7   A DG  4   8_554 ? ? ? ? ? ? WATSON-CRICK ?     ? ? 
hydrog19 hydrog ? ? A DC 8 N3 ? ? ? 1_555 A DG  3 N1 ? ? A DC 8   A DG  3   8_554 ? ? ? ? ? ? WATSON-CRICK ?     ? ? 
hydrog20 hydrog ? ? A DC 8 N4 ? ? ? 1_555 A DG  3 O6 ? ? A DC 8   A DG  3   8_554 ? ? ? ? ? ? WATSON-CRICK ?     ? ? 
hydrog21 hydrog ? ? A DC 8 O2 ? ? ? 1_555 A DG  3 N2 ? ? A DC 8   A DG  3   8_554 ? ? ? ? ? ? WATSON-CRICK ?     ? ? 
hydrog22 hydrog ? ? A DG 9 N1 ? ? ? 1_555 A DC  2 N3 ? ? A DG 9   A DC  2   8_554 ? ? ? ? ? ? WATSON-CRICK ?     ? ? 
hydrog23 hydrog ? ? A DG 9 N2 ? ? ? 1_555 A DC  2 O2 ? ? A DG 9   A DC  2   8_554 ? ? ? ? ? ? WATSON-CRICK ?     ? ? 
hydrog24 hydrog ? ? A DG 9 O6 ? ? ? 1_555 A DC  2 N4 ? ? A DG 9   A DC  2   8_554 ? ? ? ? ? ? WATSON-CRICK ?     ? ? 
# 
loop_
_struct_conn_type.id 
_struct_conn_type.criteria 
_struct_conn_type.reference 
metalc ? ? 
hydrog ? ? 
# 
loop_
_pdbx_struct_conn_angle.id 
_pdbx_struct_conn_angle.ptnr1_label_atom_id 
_pdbx_struct_conn_angle.ptnr1_label_alt_id 
_pdbx_struct_conn_angle.ptnr1_label_asym_id 
_pdbx_struct_conn_angle.ptnr1_label_comp_id 
_pdbx_struct_conn_angle.ptnr1_label_seq_id 
_pdbx_struct_conn_angle.ptnr1_auth_atom_id 
_pdbx_struct_conn_angle.ptnr1_auth_asym_id 
_pdbx_struct_conn_angle.ptnr1_auth_comp_id 
_pdbx_struct_conn_angle.ptnr1_auth_seq_id 
_pdbx_struct_conn_angle.ptnr1_PDB_ins_code 
_pdbx_struct_conn_angle.ptnr1_symmetry 
_pdbx_struct_conn_angle.ptnr2_label_atom_id 
_pdbx_struct_conn_angle.ptnr2_label_alt_id 
_pdbx_struct_conn_angle.ptnr2_label_asym_id 
_pdbx_struct_conn_angle.ptnr2_label_comp_id 
_pdbx_struct_conn_angle.ptnr2_label_seq_id 
_pdbx_struct_conn_angle.ptnr2_auth_atom_id 
_pdbx_struct_conn_angle.ptnr2_auth_asym_id 
_pdbx_struct_conn_angle.ptnr2_auth_comp_id 
_pdbx_struct_conn_angle.ptnr2_auth_seq_id 
_pdbx_struct_conn_angle.ptnr2_PDB_ins_code 
_pdbx_struct_conn_angle.ptnr2_symmetry 
_pdbx_struct_conn_angle.ptnr3_label_atom_id 
_pdbx_struct_conn_angle.ptnr3_label_alt_id 
_pdbx_struct_conn_angle.ptnr3_label_asym_id 
_pdbx_struct_conn_angle.ptnr3_label_comp_id 
_pdbx_struct_conn_angle.ptnr3_label_seq_id 
_pdbx_struct_conn_angle.ptnr3_auth_atom_id 
_pdbx_struct_conn_angle.ptnr3_auth_asym_id 
_pdbx_struct_conn_angle.ptnr3_auth_comp_id 
_pdbx_struct_conn_angle.ptnr3_auth_seq_id 
_pdbx_struct_conn_angle.ptnr3_PDB_ins_code 
_pdbx_struct_conn_angle.ptnr3_symmetry 
_pdbx_struct_conn_angle.value 
_pdbx_struct_conn_angle.value_esd 
1  N7 ? A DG  3 ? A DG  3   ? 1_555 BA ? B BA . ? A BA 101 ? 1_555 O6 ? A DG  4 ? A DG  4   ? 1_555 73.7  ? 
2  N7 ? A DG  3 ? A DG  3   ? 1_555 BA ? B BA . ? A BA 101 ? 1_555 O  ? E HOH . ? A HOH 201 ? 1_555 73.6  ? 
3  O6 ? A DG  4 ? A DG  4   ? 1_555 BA ? B BA . ? A BA 101 ? 1_555 O  ? E HOH . ? A HOH 201 ? 1_555 137.8 ? 
4  N7 ? A DG  3 ? A DG  3   ? 1_555 BA ? B BA . ? A BA 101 ? 1_555 O  ? E HOH . ? A HOH 202 ? 1_555 76.6  ? 
5  O6 ? A DG  4 ? A DG  4   ? 1_555 BA ? B BA . ? A BA 101 ? 1_555 O  ? E HOH . ? A HOH 202 ? 1_555 128.2 ? 
6  O  ? E HOH . ? A HOH 201 ? 1_555 BA ? B BA . ? A BA 101 ? 1_555 O  ? E HOH . ? A HOH 202 ? 1_555 67.4  ? 
7  N7 ? A DG  3 ? A DG  3   ? 1_555 BA ? B BA . ? A BA 101 ? 1_555 O  ? E HOH . ? A HOH 203 ? 1_555 138.7 ? 
8  O6 ? A DG  4 ? A DG  4   ? 1_555 BA ? B BA . ? A BA 101 ? 1_555 O  ? E HOH . ? A HOH 203 ? 1_555 123.6 ? 
9  O  ? E HOH . ? A HOH 201 ? 1_555 BA ? B BA . ? A BA 101 ? 1_555 O  ? E HOH . ? A HOH 203 ? 1_555 70.4  ? 
10 O  ? E HOH . ? A HOH 202 ? 1_555 BA ? B BA . ? A BA 101 ? 1_555 O  ? E HOH . ? A HOH 203 ? 1_555 106.8 ? 
11 N7 ? A DG  3 ? A DG  3   ? 1_555 BA ? B BA . ? A BA 101 ? 1_555 O  ? E HOH . ? A HOH 224 ? 1_555 136.4 ? 
12 O6 ? A DG  4 ? A DG  4   ? 1_555 BA ? B BA . ? A BA 101 ? 1_555 O  ? E HOH . ? A HOH 224 ? 1_555 63.3  ? 
13 O  ? E HOH . ? A HOH 201 ? 1_555 BA ? B BA . ? A BA 101 ? 1_555 O  ? E HOH . ? A HOH 224 ? 1_555 137.4 ? 
14 O  ? E HOH . ? A HOH 202 ? 1_555 BA ? B BA . ? A BA 101 ? 1_555 O  ? E HOH . ? A HOH 224 ? 1_555 136.7 ? 
15 O  ? E HOH . ? A HOH 203 ? 1_555 BA ? B BA . ? A BA 101 ? 1_555 O  ? E HOH . ? A HOH 224 ? 1_555 68.6  ? 
16 N7 ? A DG  3 ? A DG  3   ? 1_555 BA ? B BA . ? A BA 101 ? 1_555 O  ? E HOH . ? A HOH 231 ? 1_555 134.4 ? 
17 O6 ? A DG  4 ? A DG  4   ? 1_555 BA ? B BA . ? A BA 101 ? 1_555 O  ? E HOH . ? A HOH 231 ? 1_555 107.3 ? 
18 O  ? E HOH . ? A HOH 201 ? 1_555 BA ? B BA . ? A BA 101 ? 1_555 O  ? E HOH . ? A HOH 231 ? 1_555 114.6 ? 
19 O  ? E HOH . ? A HOH 202 ? 1_555 BA ? B BA . ? A BA 101 ? 1_555 O  ? E HOH . ? A HOH 231 ? 1_555 67.7  ? 
20 O  ? E HOH . ? A HOH 203 ? 1_555 BA ? B BA . ? A BA 101 ? 1_555 O  ? E HOH . ? A HOH 231 ? 1_555 80.1  ? 
21 O  ? E HOH . ? A HOH 224 ? 1_555 BA ? B BA . ? A BA 101 ? 1_555 O  ? E HOH . ? A HOH 231 ? 1_555 69.1  ? 
22 N7 ? A DG  3 ? A DG  3   ? 1_555 BA ? B BA . ? A BA 101 ? 1_555 O  ? E HOH . ? A HOH 236 ? 1_555 76.0  ? 
23 O6 ? A DG  4 ? A DG  4   ? 1_555 BA ? B BA . ? A BA 101 ? 1_555 O  ? E HOH . ? A HOH 236 ? 1_555 69.8  ? 
24 O  ? E HOH . ? A HOH 201 ? 1_555 BA ? B BA . ? A BA 101 ? 1_555 O  ? E HOH . ? A HOH 236 ? 1_555 76.9  ? 
25 O  ? E HOH . ? A HOH 202 ? 1_555 BA ? B BA . ? A BA 101 ? 1_555 O  ? E HOH . ? A HOH 236 ? 1_555 139.7 ? 
26 O  ? E HOH . ? A HOH 203 ? 1_555 BA ? B BA . ? A BA 101 ? 1_555 O  ? E HOH . ? A HOH 236 ? 1_555 76.7  ? 
27 O  ? E HOH . ? A HOH 224 ? 1_555 BA ? B BA . ? A BA 101 ? 1_555 O  ? E HOH . ? A HOH 236 ? 1_555 82.8  ? 
28 O  ? E HOH . ? A HOH 231 ? 1_555 BA ? B BA . ? A BA 101 ? 1_555 O  ? E HOH . ? A HOH 236 ? 1_555 148.7 ? 
# 
loop_
_struct_site.id 
_struct_site.pdbx_evidence_code 
_struct_site.pdbx_auth_asym_id 
_struct_site.pdbx_auth_comp_id 
_struct_site.pdbx_auth_seq_id 
_struct_site.pdbx_auth_ins_code 
_struct_site.pdbx_num_residues 
_struct_site.details 
AC1 Software A BA  101 ? 8  'BINDING SITE FOR RESIDUE BA A 101'  
AC2 Software A RML 102 ? 12 'BINDING SITE FOR RESIDUE RML A 102' 
AC3 Software A CL  103 ? 5  'BINDING SITE FOR RESIDUE CL A 103'  
# 
loop_
_struct_site_gen.id 
_struct_site_gen.site_id 
_struct_site_gen.pdbx_num_res 
_struct_site_gen.label_comp_id 
_struct_site_gen.label_asym_id 
_struct_site_gen.label_seq_id 
_struct_site_gen.pdbx_auth_ins_code 
_struct_site_gen.auth_comp_id 
_struct_site_gen.auth_asym_id 
_struct_site_gen.auth_seq_id 
_struct_site_gen.label_atom_id 
_struct_site_gen.label_alt_id 
_struct_site_gen.symmetry 
_struct_site_gen.details 
1  AC1 8  DG  A 3  ? DG  A 3   . ? 1_555 ? 
2  AC1 8  DG  A 4  ? DG  A 4   . ? 1_555 ? 
3  AC1 8  HOH E .  ? HOH A 201 . ? 1_555 ? 
4  AC1 8  HOH E .  ? HOH A 202 . ? 1_555 ? 
5  AC1 8  HOH E .  ? HOH A 203 . ? 1_555 ? 
6  AC1 8  HOH E .  ? HOH A 224 . ? 1_555 ? 
7  AC1 8  HOH E .  ? HOH A 231 . ? 1_555 ? 
8  AC1 8  HOH E .  ? HOH A 236 . ? 1_555 ? 
9  AC2 12 DT  A 1  ? DT  A 1   . ? 1_555 ? 
10 AC2 12 DC  A 2  ? DC  A 2   . ? 1_555 ? 
11 AC2 12 DG  A 3  ? DG  A 3   . ? 1_555 ? 
12 AC2 12 DG  A 3  ? DG  A 3   . ? 4_455 ? 
13 AC2 12 DG  A 4  ? DG  A 4   . ? 4_455 ? 
14 AC2 12 DC  A 5  ? DC  A 5   . ? 4_455 ? 
15 AC2 12 DC  A 7  ? DC  A 7   . ? 5_454 ? 
16 AC2 12 DC  A 8  ? DC  A 8   . ? 5_454 ? 
17 AC2 12 DG  A 9  ? DG  A 9   . ? 8_554 ? 
18 AC2 12 DA  A 10 ? DA  A 10  . ? 5_454 ? 
19 AC2 12 CL  D .  ? CL  A 103 . ? 4_455 ? 
20 AC2 12 HOH E .  ? HOH A 261 . ? 1_555 ? 
21 AC3 5  DG  A 3  ? DG  A 3   . ? 1_555 ? 
22 AC3 5  DC  A 8  ? DC  A 8   . ? 8_554 ? 
23 AC3 5  DA  A 10 ? DA  A 10  . ? 8_554 ? 
24 AC3 5  RML C .  ? RML A 102 . ? 3_554 ? 
25 AC3 5  HOH E .  ? HOH A 273 . ? 8_554 ? 
# 
loop_
_pdbx_validate_close_contact.id 
_pdbx_validate_close_contact.PDB_model_num 
_pdbx_validate_close_contact.auth_atom_id_1 
_pdbx_validate_close_contact.auth_asym_id_1 
_pdbx_validate_close_contact.auth_comp_id_1 
_pdbx_validate_close_contact.auth_seq_id_1 
_pdbx_validate_close_contact.PDB_ins_code_1 
_pdbx_validate_close_contact.label_alt_id_1 
_pdbx_validate_close_contact.auth_atom_id_2 
_pdbx_validate_close_contact.auth_asym_id_2 
_pdbx_validate_close_contact.auth_comp_id_2 
_pdbx_validate_close_contact.auth_seq_id_2 
_pdbx_validate_close_contact.PDB_ins_code_2 
_pdbx_validate_close_contact.label_alt_id_2 
_pdbx_validate_close_contact.dist 
1 1 O A HOH 221 ? ? O A HOH 266 ? ? 1.65 
2 1 O A HOH 254 ? ? O A HOH 271 ? ? 2.14 
# 
_pdbx_validate_planes.id              1 
_pdbx_validate_planes.PDB_model_num   1 
_pdbx_validate_planes.auth_comp_id    DC 
_pdbx_validate_planes.auth_asym_id    A 
_pdbx_validate_planes.auth_seq_id     5 
_pdbx_validate_planes.PDB_ins_code    ? 
_pdbx_validate_planes.label_alt_id    ? 
_pdbx_validate_planes.rmsd            0.092 
_pdbx_validate_planes.type            'SIDE CHAIN' 
# 
_pdbx_struct_special_symmetry.id              1 
_pdbx_struct_special_symmetry.PDB_model_num   1 
_pdbx_struct_special_symmetry.auth_asym_id    A 
_pdbx_struct_special_symmetry.auth_comp_id    HOH 
_pdbx_struct_special_symmetry.auth_seq_id     282 
_pdbx_struct_special_symmetry.PDB_ins_code    ? 
_pdbx_struct_special_symmetry.label_asym_id   E 
_pdbx_struct_special_symmetry.label_comp_id   HOH 
_pdbx_struct_special_symmetry.label_seq_id    . 
# 
loop_
_chem_comp_atom.comp_id 
_chem_comp_atom.atom_id 
_chem_comp_atom.type_symbol 
_chem_comp_atom.pdbx_aromatic_flag 
_chem_comp_atom.pdbx_stereo_config 
_chem_comp_atom.pdbx_ordinal 
BA  BA     BA N N 1   
CL  CL     CL N N 2   
DA  OP3    O  N N 3   
DA  P      P  N N 4   
DA  OP1    O  N N 5   
DA  OP2    O  N N 6   
DA  "O5'"  O  N N 7   
DA  "C5'"  C  N N 8   
DA  "C4'"  C  N R 9   
DA  "O4'"  O  N N 10  
DA  "C3'"  C  N S 11  
DA  "O3'"  O  N N 12  
DA  "C2'"  C  N N 13  
DA  "C1'"  C  N R 14  
DA  N9     N  Y N 15  
DA  C8     C  Y N 16  
DA  N7     N  Y N 17  
DA  C5     C  Y N 18  
DA  C6     C  Y N 19  
DA  N6     N  N N 20  
DA  N1     N  Y N 21  
DA  C2     C  Y N 22  
DA  N3     N  Y N 23  
DA  C4     C  Y N 24  
DA  HOP3   H  N N 25  
DA  HOP2   H  N N 26  
DA  "H5'"  H  N N 27  
DA  "H5''" H  N N 28  
DA  "H4'"  H  N N 29  
DA  "H3'"  H  N N 30  
DA  "HO3'" H  N N 31  
DA  "H2'"  H  N N 32  
DA  "H2''" H  N N 33  
DA  "H1'"  H  N N 34  
DA  H8     H  N N 35  
DA  H61    H  N N 36  
DA  H62    H  N N 37  
DA  H2     H  N N 38  
DC  OP3    O  N N 39  
DC  P      P  N N 40  
DC  OP1    O  N N 41  
DC  OP2    O  N N 42  
DC  "O5'"  O  N N 43  
DC  "C5'"  C  N N 44  
DC  "C4'"  C  N R 45  
DC  "O4'"  O  N N 46  
DC  "C3'"  C  N S 47  
DC  "O3'"  O  N N 48  
DC  "C2'"  C  N N 49  
DC  "C1'"  C  N R 50  
DC  N1     N  N N 51  
DC  C2     C  N N 52  
DC  O2     O  N N 53  
DC  N3     N  N N 54  
DC  C4     C  N N 55  
DC  N4     N  N N 56  
DC  C5     C  N N 57  
DC  C6     C  N N 58  
DC  HOP3   H  N N 59  
DC  HOP2   H  N N 60  
DC  "H5'"  H  N N 61  
DC  "H5''" H  N N 62  
DC  "H4'"  H  N N 63  
DC  "H3'"  H  N N 64  
DC  "HO3'" H  N N 65  
DC  "H2'"  H  N N 66  
DC  "H2''" H  N N 67  
DC  "H1'"  H  N N 68  
DC  H41    H  N N 69  
DC  H42    H  N N 70  
DC  H5     H  N N 71  
DC  H6     H  N N 72  
DG  OP3    O  N N 73  
DG  P      P  N N 74  
DG  OP1    O  N N 75  
DG  OP2    O  N N 76  
DG  "O5'"  O  N N 77  
DG  "C5'"  C  N N 78  
DG  "C4'"  C  N R 79  
DG  "O4'"  O  N N 80  
DG  "C3'"  C  N S 81  
DG  "O3'"  O  N N 82  
DG  "C2'"  C  N N 83  
DG  "C1'"  C  N R 84  
DG  N9     N  Y N 85  
DG  C8     C  Y N 86  
DG  N7     N  Y N 87  
DG  C5     C  Y N 88  
DG  C6     C  N N 89  
DG  O6     O  N N 90  
DG  N1     N  N N 91  
DG  C2     C  N N 92  
DG  N2     N  N N 93  
DG  N3     N  N N 94  
DG  C4     C  Y N 95  
DG  HOP3   H  N N 96  
DG  HOP2   H  N N 97  
DG  "H5'"  H  N N 98  
DG  "H5''" H  N N 99  
DG  "H4'"  H  N N 100 
DG  "H3'"  H  N N 101 
DG  "HO3'" H  N N 102 
DG  "H2'"  H  N N 103 
DG  "H2''" H  N N 104 
DG  "H1'"  H  N N 105 
DG  H8     H  N N 106 
DG  H1     H  N N 107 
DG  H21    H  N N 108 
DG  H22    H  N N 109 
DT  OP3    O  N N 110 
DT  P      P  N N 111 
DT  OP1    O  N N 112 
DT  OP2    O  N N 113 
DT  "O5'"  O  N N 114 
DT  "C5'"  C  N N 115 
DT  "C4'"  C  N R 116 
DT  "O4'"  O  N N 117 
DT  "C3'"  C  N S 118 
DT  "O3'"  O  N N 119 
DT  "C2'"  C  N N 120 
DT  "C1'"  C  N R 121 
DT  N1     N  N N 122 
DT  C2     C  N N 123 
DT  O2     O  N N 124 
DT  N3     N  N N 125 
DT  C4     C  N N 126 
DT  O4     O  N N 127 
DT  C5     C  N N 128 
DT  C7     C  N N 129 
DT  C6     C  N N 130 
DT  HOP3   H  N N 131 
DT  HOP2   H  N N 132 
DT  "H5'"  H  N N 133 
DT  "H5''" H  N N 134 
DT  "H4'"  H  N N 135 
DT  "H3'"  H  N N 136 
DT  "HO3'" H  N N 137 
DT  "H2'"  H  N N 138 
DT  "H2''" H  N N 139 
DT  "H1'"  H  N N 140 
DT  H3     H  N N 141 
DT  H71    H  N N 142 
DT  H72    H  N N 143 
DT  H73    H  N N 144 
DT  H6     H  N N 145 
HOH O      O  N N 146 
HOH H1     H  N N 147 
HOH H2     H  N N 148 
RML C53    C  N N 149 
RML C17    C  Y N 150 
RML C18    C  Y N 151 
RML C52    C  N N 152 
RML C14    C  Y N 153 
RML C16    C  Y N 154 
RML C15    C  Y N 155 
RML N3     N  Y N 156 
RML C13    C  Y N 157 
RML N4     N  Y N 158 
RML C7     C  Y N 159 
RML C6     C  Y N 160 
RML C5     C  Y N 161 
RML C4     C  Y N 162 
RML C3     C  Y N 163 
RML C2     C  Y N 164 
RML C8     C  Y N 165 
RML C10    C  Y N 166 
RML C1     C  Y N 167 
RML N2     N  Y N 168 
RML N1     N  Y N 169 
RML C12    C  Y N 170 
RML C11    C  Y N 171 
RML C9     C  Y N 172 
RML RU     RU N N 173 
RML N8     N  Y N 174 
RML C28    C  Y N 175 
RML C27    C  Y N 176 
RML N7     N  Y N 177 
RML C26    C  Y N 178 
RML C25    C  Y N 179 
RML C24    C  Y N 180 
RML C23    C  Y N 181 
RML C22    C  Y N 182 
RML N6     N  Y N 183 
RML C19    C  Y N 184 
RML N5     N  Y N 185 
RML C20    C  Y N 186 
RML C21    C  Y N 187 
RML N12    N  Y N 188 
RML C38    C  Y N 189 
RML C37    C  Y N 190 
RML N11    N  Y N 191 
RML C36    C  Y N 192 
RML C29    C  Y N 193 
RML N9     N  Y N 194 
RML C30    C  Y N 195 
RML C31    C  Y N 196 
RML C35    C  Y N 197 
RML C34    C  Y N 198 
RML C33    C  Y N 199 
RML C32    C  Y N 200 
RML N10    N  Y N 201 
RML H1     H  N N 202 
RML H2     H  N N 203 
RML H3     H  N N 204 
RML H4     H  N N 205 
RML H5     H  N N 206 
RML H6     H  N N 207 
RML H7     H  N N 208 
RML H8     H  N N 209 
RML H9     H  N N 210 
RML H10    H  N N 211 
RML H11    H  N N 212 
RML H12    H  N N 213 
RML H13    H  N N 214 
RML H14    H  N N 215 
RML H15    H  N N 216 
RML H16    H  N N 217 
RML H17    H  N N 218 
RML H18    H  N N 219 
RML H19    H  N N 220 
RML H20    H  N N 221 
RML H21    H  N N 222 
RML H22    H  N N 223 
RML H23    H  N N 224 
RML H24    H  N N 225 
RML H25    H  N N 226 
RML H26    H  N N 227 
# 
loop_
_chem_comp_bond.comp_id 
_chem_comp_bond.atom_id_1 
_chem_comp_bond.atom_id_2 
_chem_comp_bond.value_order 
_chem_comp_bond.pdbx_aromatic_flag 
_chem_comp_bond.pdbx_stereo_config 
_chem_comp_bond.pdbx_ordinal 
DA  OP3   P      sing N N 1   
DA  OP3   HOP3   sing N N 2   
DA  P     OP1    doub N N 3   
DA  P     OP2    sing N N 4   
DA  P     "O5'"  sing N N 5   
DA  OP2   HOP2   sing N N 6   
DA  "O5'" "C5'"  sing N N 7   
DA  "C5'" "C4'"  sing N N 8   
DA  "C5'" "H5'"  sing N N 9   
DA  "C5'" "H5''" sing N N 10  
DA  "C4'" "O4'"  sing N N 11  
DA  "C4'" "C3'"  sing N N 12  
DA  "C4'" "H4'"  sing N N 13  
DA  "O4'" "C1'"  sing N N 14  
DA  "C3'" "O3'"  sing N N 15  
DA  "C3'" "C2'"  sing N N 16  
DA  "C3'" "H3'"  sing N N 17  
DA  "O3'" "HO3'" sing N N 18  
DA  "C2'" "C1'"  sing N N 19  
DA  "C2'" "H2'"  sing N N 20  
DA  "C2'" "H2''" sing N N 21  
DA  "C1'" N9     sing N N 22  
DA  "C1'" "H1'"  sing N N 23  
DA  N9    C8     sing Y N 24  
DA  N9    C4     sing Y N 25  
DA  C8    N7     doub Y N 26  
DA  C8    H8     sing N N 27  
DA  N7    C5     sing Y N 28  
DA  C5    C6     sing Y N 29  
DA  C5    C4     doub Y N 30  
DA  C6    N6     sing N N 31  
DA  C6    N1     doub Y N 32  
DA  N6    H61    sing N N 33  
DA  N6    H62    sing N N 34  
DA  N1    C2     sing Y N 35  
DA  C2    N3     doub Y N 36  
DA  C2    H2     sing N N 37  
DA  N3    C4     sing Y N 38  
DC  OP3   P      sing N N 39  
DC  OP3   HOP3   sing N N 40  
DC  P     OP1    doub N N 41  
DC  P     OP2    sing N N 42  
DC  P     "O5'"  sing N N 43  
DC  OP2   HOP2   sing N N 44  
DC  "O5'" "C5'"  sing N N 45  
DC  "C5'" "C4'"  sing N N 46  
DC  "C5'" "H5'"  sing N N 47  
DC  "C5'" "H5''" sing N N 48  
DC  "C4'" "O4'"  sing N N 49  
DC  "C4'" "C3'"  sing N N 50  
DC  "C4'" "H4'"  sing N N 51  
DC  "O4'" "C1'"  sing N N 52  
DC  "C3'" "O3'"  sing N N 53  
DC  "C3'" "C2'"  sing N N 54  
DC  "C3'" "H3'"  sing N N 55  
DC  "O3'" "HO3'" sing N N 56  
DC  "C2'" "C1'"  sing N N 57  
DC  "C2'" "H2'"  sing N N 58  
DC  "C2'" "H2''" sing N N 59  
DC  "C1'" N1     sing N N 60  
DC  "C1'" "H1'"  sing N N 61  
DC  N1    C2     sing N N 62  
DC  N1    C6     sing N N 63  
DC  C2    O2     doub N N 64  
DC  C2    N3     sing N N 65  
DC  N3    C4     doub N N 66  
DC  C4    N4     sing N N 67  
DC  C4    C5     sing N N 68  
DC  N4    H41    sing N N 69  
DC  N4    H42    sing N N 70  
DC  C5    C6     doub N N 71  
DC  C5    H5     sing N N 72  
DC  C6    H6     sing N N 73  
DG  OP3   P      sing N N 74  
DG  OP3   HOP3   sing N N 75  
DG  P     OP1    doub N N 76  
DG  P     OP2    sing N N 77  
DG  P     "O5'"  sing N N 78  
DG  OP2   HOP2   sing N N 79  
DG  "O5'" "C5'"  sing N N 80  
DG  "C5'" "C4'"  sing N N 81  
DG  "C5'" "H5'"  sing N N 82  
DG  "C5'" "H5''" sing N N 83  
DG  "C4'" "O4'"  sing N N 84  
DG  "C4'" "C3'"  sing N N 85  
DG  "C4'" "H4'"  sing N N 86  
DG  "O4'" "C1'"  sing N N 87  
DG  "C3'" "O3'"  sing N N 88  
DG  "C3'" "C2'"  sing N N 89  
DG  "C3'" "H3'"  sing N N 90  
DG  "O3'" "HO3'" sing N N 91  
DG  "C2'" "C1'"  sing N N 92  
DG  "C2'" "H2'"  sing N N 93  
DG  "C2'" "H2''" sing N N 94  
DG  "C1'" N9     sing N N 95  
DG  "C1'" "H1'"  sing N N 96  
DG  N9    C8     sing Y N 97  
DG  N9    C4     sing Y N 98  
DG  C8    N7     doub Y N 99  
DG  C8    H8     sing N N 100 
DG  N7    C5     sing Y N 101 
DG  C5    C6     sing N N 102 
DG  C5    C4     doub Y N 103 
DG  C6    O6     doub N N 104 
DG  C6    N1     sing N N 105 
DG  N1    C2     sing N N 106 
DG  N1    H1     sing N N 107 
DG  C2    N2     sing N N 108 
DG  C2    N3     doub N N 109 
DG  N2    H21    sing N N 110 
DG  N2    H22    sing N N 111 
DG  N3    C4     sing N N 112 
DT  OP3   P      sing N N 113 
DT  OP3   HOP3   sing N N 114 
DT  P     OP1    doub N N 115 
DT  P     OP2    sing N N 116 
DT  P     "O5'"  sing N N 117 
DT  OP2   HOP2   sing N N 118 
DT  "O5'" "C5'"  sing N N 119 
DT  "C5'" "C4'"  sing N N 120 
DT  "C5'" "H5'"  sing N N 121 
DT  "C5'" "H5''" sing N N 122 
DT  "C4'" "O4'"  sing N N 123 
DT  "C4'" "C3'"  sing N N 124 
DT  "C4'" "H4'"  sing N N 125 
DT  "O4'" "C1'"  sing N N 126 
DT  "C3'" "O3'"  sing N N 127 
DT  "C3'" "C2'"  sing N N 128 
DT  "C3'" "H3'"  sing N N 129 
DT  "O3'" "HO3'" sing N N 130 
DT  "C2'" "C1'"  sing N N 131 
DT  "C2'" "H2'"  sing N N 132 
DT  "C2'" "H2''" sing N N 133 
DT  "C1'" N1     sing N N 134 
DT  "C1'" "H1'"  sing N N 135 
DT  N1    C2     sing N N 136 
DT  N1    C6     sing N N 137 
DT  C2    O2     doub N N 138 
DT  C2    N3     sing N N 139 
DT  N3    C4     sing N N 140 
DT  N3    H3     sing N N 141 
DT  C4    O4     doub N N 142 
DT  C4    C5     sing N N 143 
DT  C5    C7     sing N N 144 
DT  C5    C6     doub N N 145 
DT  C7    H71    sing N N 146 
DT  C7    H72    sing N N 147 
DT  C7    H73    sing N N 148 
DT  C6    H6     sing N N 149 
HOH O     H1     sing N N 150 
HOH O     H2     sing N N 151 
RML C23   C24    doub Y N 152 
RML C23   C22    sing Y N 153 
RML C24   C25    sing Y N 154 
RML N6    C22    doub Y N 155 
RML N6    C21    sing Y N 156 
RML C22   C19    sing Y N 157 
RML C25   N7     doub Y N 158 
RML C25   C26    sing Y N 159 
RML N7    C27    sing Y N 160 
RML C21   C20    doub Y N 161 
RML C19   C26    sing Y N 162 
RML C19   N5     doub Y N 163 
RML C26   N8     doub Y N 164 
RML C27   C28    doub Y N 165 
RML C20   N5     sing Y N 166 
RML N5    RU     sing N N 167 
RML N8    C28    sing Y N 168 
RML N8    RU     sing N N 169 
RML C38   C37    doub Y N 170 
RML C38   N12    sing Y N 171 
RML C37   N11    sing Y N 172 
RML C12   N1     doub Y N 173 
RML C12   C11    sing Y N 174 
RML N12   RU     sing N N 175 
RML N12   C36    doub Y N 176 
RML RU    N1     sing N N 177 
RML RU    N2     sing N N 178 
RML RU    N9     sing N N 179 
RML N1    C10    sing Y N 180 
RML C11   C9     doub Y N 181 
RML N11   C35    doub Y N 182 
RML C36   C35    sing Y N 183 
RML C36   C29    sing Y N 184 
RML C9    C8     sing Y N 185 
RML C10   C8     doub Y N 186 
RML C10   C1     sing Y N 187 
RML C35   C34    sing Y N 188 
RML N2    C2     doub Y N 189 
RML N2    C1     sing Y N 190 
RML C2    C3     sing Y N 191 
RML C8    C7     sing Y N 192 
RML C1    C5     doub Y N 193 
RML N9    C29    doub Y N 194 
RML N9    C30    sing Y N 195 
RML C29   C32    sing Y N 196 
RML C34   C33    doub Y N 197 
RML C3    C4     doub Y N 198 
RML C7    N4     doub Y N 199 
RML C7    C6     sing Y N 200 
RML C30   C31    doub Y N 201 
RML C5    C4     sing Y N 202 
RML C5    C6     sing Y N 203 
RML N4    C13    sing Y N 204 
RML C6    N3     doub Y N 205 
RML C32   C33    sing Y N 206 
RML C32   N10    doub Y N 207 
RML C31   N10    sing Y N 208 
RML C13   C14    doub Y N 209 
RML C13   C15    sing Y N 210 
RML N3    C15    sing Y N 211 
RML C14   C18    sing Y N 212 
RML C15   C16    doub Y N 213 
RML C18   C52    sing N N 214 
RML C18   C17    doub Y N 215 
RML C16   C17    sing Y N 216 
RML C17   C53    sing N N 217 
RML C53   H1     sing N N 218 
RML C53   H2     sing N N 219 
RML C53   H3     sing N N 220 
RML C52   H4     sing N N 221 
RML C52   H5     sing N N 222 
RML C52   H6     sing N N 223 
RML C14   H7     sing N N 224 
RML C16   H8     sing N N 225 
RML C4    H9     sing N N 226 
RML C3    H10    sing N N 227 
RML C2    H11    sing N N 228 
RML C12   H12    sing N N 229 
RML C11   H13    sing N N 230 
RML C9    H14    sing N N 231 
RML C28   H15    sing N N 232 
RML C27   H16    sing N N 233 
RML C24   H17    sing N N 234 
RML C23   H18    sing N N 235 
RML C20   H19    sing N N 236 
RML C21   H20    sing N N 237 
RML C38   H21    sing N N 238 
RML C37   H22    sing N N 239 
RML C30   H23    sing N N 240 
RML C31   H24    sing N N 241 
RML C34   H25    sing N N 242 
RML C33   H26    sing N N 243 
# 
_ndb_struct_conf_na.entry_id   4E8S 
_ndb_struct_conf_na.feature    'b-form double helix' 
# 
loop_
_ndb_struct_na_base_pair.model_number 
_ndb_struct_na_base_pair.i_label_asym_id 
_ndb_struct_na_base_pair.i_label_comp_id 
_ndb_struct_na_base_pair.i_label_seq_id 
_ndb_struct_na_base_pair.i_symmetry 
_ndb_struct_na_base_pair.j_label_asym_id 
_ndb_struct_na_base_pair.j_label_comp_id 
_ndb_struct_na_base_pair.j_label_seq_id 
_ndb_struct_na_base_pair.j_symmetry 
_ndb_struct_na_base_pair.shear 
_ndb_struct_na_base_pair.stretch 
_ndb_struct_na_base_pair.stagger 
_ndb_struct_na_base_pair.buckle 
_ndb_struct_na_base_pair.propeller 
_ndb_struct_na_base_pair.opening 
_ndb_struct_na_base_pair.pair_number 
_ndb_struct_na_base_pair.pair_name 
_ndb_struct_na_base_pair.i_auth_asym_id 
_ndb_struct_na_base_pair.i_auth_seq_id 
_ndb_struct_na_base_pair.i_PDB_ins_code 
_ndb_struct_na_base_pair.j_auth_asym_id 
_ndb_struct_na_base_pair.j_auth_seq_id 
_ndb_struct_na_base_pair.j_PDB_ins_code 
_ndb_struct_na_base_pair.hbond_type_28 
_ndb_struct_na_base_pair.hbond_type_12 
1 A DC 2 1_555 A DG 9 8_554 0.140  -0.068 0.259  -10.550 8.275  1.258  1 A_DC2:DG9_A A 2 ? A 9 ? 19 1 
1 A DG 3 1_555 A DC 8 8_554 -0.204 -0.056 0.197  24.066  -4.806 -0.820 2 A_DG3:DC8_A A 3 ? A 8 ? 19 1 
1 A DG 4 1_555 A DC 7 8_554 -0.148 -0.152 -0.078 -9.883  1.873  -1.117 3 A_DG4:DC7_A A 4 ? A 7 ? 19 1 
1 A DC 5 1_555 A DG 6 8_554 0.209  -0.106 0.288  -4.814  -5.646 -0.533 4 A_DC5:DG6_A A 5 ? A 6 ? 19 1 
1 A DG 6 1_555 A DC 5 8_554 -0.209 -0.106 0.288  4.814   -5.646 -0.533 5 A_DG6:DC5_A A 6 ? A 5 ? 19 1 
1 A DC 7 1_555 A DG 4 8_554 0.148  -0.152 -0.078 9.883   1.873  -1.117 6 A_DC7:DG4_A A 7 ? A 4 ? 19 1 
1 A DC 8 1_555 A DG 3 8_554 0.204  -0.056 0.197  -24.066 -4.806 -0.820 7 A_DC8:DG3_A A 8 ? A 3 ? 19 1 
1 A DG 9 1_555 A DC 2 8_554 -0.140 -0.068 0.259  10.550  8.275  1.258  8 A_DG9:DC2_A A 9 ? A 2 ? 19 1 
# 
loop_
_ndb_struct_na_base_pair_step.model_number 
_ndb_struct_na_base_pair_step.i_label_asym_id_1 
_ndb_struct_na_base_pair_step.i_label_comp_id_1 
_ndb_struct_na_base_pair_step.i_label_seq_id_1 
_ndb_struct_na_base_pair_step.i_symmetry_1 
_ndb_struct_na_base_pair_step.j_label_asym_id_1 
_ndb_struct_na_base_pair_step.j_label_comp_id_1 
_ndb_struct_na_base_pair_step.j_label_seq_id_1 
_ndb_struct_na_base_pair_step.j_symmetry_1 
_ndb_struct_na_base_pair_step.i_label_asym_id_2 
_ndb_struct_na_base_pair_step.i_label_comp_id_2 
_ndb_struct_na_base_pair_step.i_label_seq_id_2 
_ndb_struct_na_base_pair_step.i_symmetry_2 
_ndb_struct_na_base_pair_step.j_label_asym_id_2 
_ndb_struct_na_base_pair_step.j_label_comp_id_2 
_ndb_struct_na_base_pair_step.j_label_seq_id_2 
_ndb_struct_na_base_pair_step.j_symmetry_2 
_ndb_struct_na_base_pair_step.shift 
_ndb_struct_na_base_pair_step.slide 
_ndb_struct_na_base_pair_step.rise 
_ndb_struct_na_base_pair_step.tilt 
_ndb_struct_na_base_pair_step.roll 
_ndb_struct_na_base_pair_step.twist 
_ndb_struct_na_base_pair_step.x_displacement 
_ndb_struct_na_base_pair_step.y_displacement 
_ndb_struct_na_base_pair_step.helical_rise 
_ndb_struct_na_base_pair_step.inclination 
_ndb_struct_na_base_pair_step.tip 
_ndb_struct_na_base_pair_step.helical_twist 
_ndb_struct_na_base_pair_step.step_number 
_ndb_struct_na_base_pair_step.step_name 
_ndb_struct_na_base_pair_step.i_auth_asym_id_1 
_ndb_struct_na_base_pair_step.i_auth_seq_id_1 
_ndb_struct_na_base_pair_step.i_PDB_ins_code_1 
_ndb_struct_na_base_pair_step.j_auth_asym_id_1 
_ndb_struct_na_base_pair_step.j_auth_seq_id_1 
_ndb_struct_na_base_pair_step.j_PDB_ins_code_1 
_ndb_struct_na_base_pair_step.i_auth_asym_id_2 
_ndb_struct_na_base_pair_step.i_auth_seq_id_2 
_ndb_struct_na_base_pair_step.i_PDB_ins_code_2 
_ndb_struct_na_base_pair_step.j_auth_asym_id_2 
_ndb_struct_na_base_pair_step.j_auth_seq_id_2 
_ndb_struct_na_base_pair_step.j_PDB_ins_code_2 
1 A DC 2 1_555 A DG 9 8_554 A DG 3 1_555 A DC 8 8_554 -0.504 1.706 2.621 2.258  3.888  19.320 3.398  2.368  2.828 11.387 -6.613 
19.831 1 AA_DC2DG3:DC8DG9_AA A 2 ? A 9 ? A 3 ? A 8 ? 
1 A DG 3 1_555 A DC 8 8_554 A DG 4 1_555 A DC 7 8_554 -0.113 0.821 5.253 -2.286 51.339 15.634 -5.279 -0.151 2.372 74.143 3.302  
53.561 2 AA_DG3DG4:DC7DC8_AA A 3 ? A 8 ? A 4 ? A 7 ? 
1 A DG 4 1_555 A DC 7 8_554 A DC 5 1_555 A DG 6 8_554 -0.916 0.134 3.235 -3.634 -2.635 38.170 0.533  0.939  3.289 -4.013 5.533  
38.423 3 AA_DG4DC5:DG6DC7_AA A 4 ? A 7 ? A 5 ? A 6 ? 
1 A DC 5 1_555 A DG 6 8_554 A DG 6 1_555 A DC 5 8_554 0.000  0.726 3.296 0.000  21.067 28.288 -2.232 0.000  3.095 37.269 0.000  
35.142 4 AA_DC5DG6:DC5DG6_AA A 5 ? A 6 ? A 6 ? A 5 ? 
1 A DG 6 1_555 A DC 5 8_554 A DC 7 1_555 A DG 4 8_554 0.916  0.134 3.235 3.634  -2.635 38.170 0.533  -0.939 3.289 -4.013 -5.533 
38.423 5 AA_DG6DC7:DG4DC5_AA A 6 ? A 5 ? A 7 ? A 4 ? 
1 A DC 7 1_555 A DG 4 8_554 A DC 8 1_555 A DG 3 8_554 0.113  0.821 5.253 2.286  51.339 15.634 -5.279 0.151  2.372 74.143 -3.302 
53.561 6 AA_DC7DC8:DG3DG4_AA A 7 ? A 4 ? A 8 ? A 3 ? 
1 A DC 8 1_555 A DG 3 8_554 A DG 9 1_555 A DC 2 8_554 0.504  1.706 2.621 -2.258 3.888  19.320 3.398  -2.368 2.828 11.387 6.613  
19.831 7 AA_DC8DG9:DC2DG3_AA A 8 ? A 3 ? A 9 ? A 2 ? 
# 
_atom_sites.entry_id                    4E8S 
_atom_sites.fract_transf_matrix[1][1]   0.01300189 
_atom_sites.fract_transf_matrix[1][2]   0.01921245 
_atom_sites.fract_transf_matrix[1][3]   0.00425262 
_atom_sites.fract_transf_matrix[2][1]   -0.01002887 
_atom_sites.fract_transf_matrix[2][2]   0.00208456 
_atom_sites.fract_transf_matrix[2][3]   0.02124450 
_atom_sites.fract_transf_matrix[3][1]   0.01809503 
_atom_sites.fract_transf_matrix[3][2]   -0.01445031 
_atom_sites.fract_transf_matrix[3][3]   0.00996000 
_atom_sites.fract_transf_vector[1]      -0.226465 
_atom_sites.fract_transf_vector[2]      0.266885 
_atom_sites.fract_transf_vector[3]      -0.239474 
# 
loop_
_atom_type.symbol 
BA 
C  
CL 
N  
O  
P  
RU 
# 
loop_
_atom_site.group_PDB 
_atom_site.id 
_atom_site.type_symbol 
_atom_site.label_atom_id 
_atom_site.label_alt_id 
_atom_site.label_comp_id 
_atom_site.label_asym_id 
_atom_site.label_entity_id 
_atom_site.label_seq_id 
_atom_site.pdbx_PDB_ins_code 
_atom_site.Cartn_x 
_atom_site.Cartn_y 
_atom_site.Cartn_z 
_atom_site.occupancy 
_atom_site.B_iso_or_equiv 
_atom_site.pdbx_formal_charge 
_atom_site.auth_seq_id 
_atom_site.auth_comp_id 
_atom_site.auth_asym_id 
_atom_site.auth_atom_id 
_atom_site.pdbx_PDB_model_num 
ATOM   1   O  "O5'" . DT  A 1 1  ? 4.669   -12.311 10.896  1.00 22.08 ? 1   DT  A "O5'" 1 
ATOM   2   C  "C5'" . DT  A 1 1  ? 3.893   -11.947 11.984  1.00 18.68 ? 1   DT  A "C5'" 1 
ATOM   3   C  "C4'" . DT  A 1 1  ? 3.960   -10.449 12.138  1.00 17.37 ? 1   DT  A "C4'" 1 
ATOM   4   O  "O4'" . DT  A 1 1  ? 5.310   -10.007 12.382  1.00 21.35 ? 1   DT  A "O4'" 1 
ATOM   5   C  "C3'" . DT  A 1 1  ? 3.550   -9.643  10.903  1.00 15.68 ? 1   DT  A "C3'" 1 
ATOM   6   O  "O3'" . DT  A 1 1  ? 2.121   -9.585  10.835  1.00 16.10 ? 1   DT  A "O3'" 1 
ATOM   7   C  "C2'" . DT  A 1 1  ? 4.184   -8.297  11.165  1.00 18.27 ? 1   DT  A "C2'" 1 
ATOM   8   C  "C1'" . DT  A 1 1  ? 5.442   -8.660  11.965  1.00 18.44 ? 1   DT  A "C1'" 1 
ATOM   9   N  N1    . DT  A 1 1  ? 6.761   -8.548  11.297  1.00 17.04 ? 1   DT  A N1    1 
ATOM   10  C  C2    . DT  A 1 1  ? 7.828   -8.107  12.020  1.00 16.03 ? 1   DT  A C2    1 
ATOM   11  O  O2    . DT  A 1 1  ? 7.717   -7.688  13.129  1.00 13.40 ? 1   DT  A O2    1 
ATOM   12  N  N3    . DT  A 1 1  ? 9.032   -8.123  11.353  1.00 16.18 ? 1   DT  A N3    1 
ATOM   13  C  C4    . DT  A 1 1  ? 9.262   -8.508  10.054  1.00 22.82 ? 1   DT  A C4    1 
ATOM   14  O  O4    . DT  A 1 1  ? 10.393  -8.453  9.605   1.00 22.72 ? 1   DT  A O4    1 
ATOM   15  C  C5    . DT  A 1 1  ? 8.101   -9.005  9.350   1.00 22.98 ? 1   DT  A C5    1 
ATOM   16  C  C7    . DT  A 1 1  ? 8.251   -9.478  7.933   1.00 33.13 ? 1   DT  A C7    1 
ATOM   17  C  C6    . DT  A 1 1  ? 6.927   -9.007  10.006  1.00 22.03 ? 1   DT  A C6    1 
ATOM   18  P  P     . DC  A 1 2  ? 1.332   -8.929  9.587   1.00 16.30 ? 2   DC  A P     1 
ATOM   19  O  OP1   . DC  A 1 2  ? -0.075  -9.404  9.761   1.00 17.18 ? 2   DC  A OP1   1 
ATOM   20  O  OP2   . DC  A 1 2  ? 2.056   -9.199  8.358   1.00 17.86 ? 2   DC  A OP2   1 
ATOM   21  O  "O5'" . DC  A 1 2  ? 1.426   -7.379  9.839   1.00 14.24 ? 2   DC  A "O5'" 1 
ATOM   22  C  "C5'" . DC  A 1 2  ? 0.795   -6.793  11.011  1.00 14.43 ? 2   DC  A "C5'" 1 
ATOM   23  C  "C4'" . DC  A 1 2  ? 0.888   -5.278  10.914  1.00 12.35 ? 2   DC  A "C4'" 1 
ATOM   24  O  "O4'" . DC  A 1 2  ? 2.263   -4.857  10.840  1.00 12.55 ? 2   DC  A "O4'" 1 
ATOM   25  C  "C3'" . DC  A 1 2  ? 0.220   -4.719  9.667   1.00 11.39 ? 2   DC  A "C3'" 1 
ATOM   26  O  "O3'" . DC  A 1 2  ? -1.149  -4.423  9.997   1.00 12.79 ? 2   DC  A "O3'" 1 
ATOM   27  C  "C2'" . DC  A 1 2  ? 1.033   -3.487  9.340   1.00 13.30 ? 2   DC  A "C2'" 1 
ATOM   28  C  "C1'" . DC  A 1 2  ? 2.386   -3.705  10.008  1.00 12.53 ? 2   DC  A "C1'" 1 
ATOM   29  N  N1    . DC  A 1 2  ? 3.469   -4.011  9.064   1.00 11.45 ? 2   DC  A N1    1 
ATOM   30  C  C2    . DC  A 1 2  ? 4.641   -3.241  9.108   1.00 11.19 ? 2   DC  A C2    1 
ATOM   31  O  O2    . DC  A 1 2  ? 4.720   -2.300  9.920   1.00 12.26 ? 2   DC  A O2    1 
ATOM   32  N  N3    . DC  A 1 2  ? 5.685   -3.575  8.303   1.00 11.25 ? 2   DC  A N3    1 
ATOM   33  C  C4    . DC  A 1 2  ? 5.596   -4.625  7.495   1.00 12.75 ? 2   DC  A C4    1 
ATOM   34  N  N4    . DC  A 1 2  ? 6.656   -4.898  6.760   1.00 14.70 ? 2   DC  A N4    1 
ATOM   35  C  C5    . DC  A 1 2  ? 4.394   -5.380  7.366   1.00 13.72 ? 2   DC  A C5    1 
ATOM   36  C  C6    . DC  A 1 2  ? 3.376   -5.062  8.184   1.00 12.66 ? 2   DC  A C6    1 
ATOM   37  P  P     . DG  A 1 3  ? -2.246  -3.989  8.915   1.00 12.93 ? 3   DG  A P     1 
ATOM   38  O  OP1   . DG  A 1 3  ? -3.562  -4.303  9.540   1.00 14.52 ? 3   DG  A OP1   1 
ATOM   39  O  OP2   . DG  A 1 3  ? -1.903  -4.535  7.569   1.00 13.12 ? 3   DG  A OP2   1 
ATOM   40  O  "O5'" . DG  A 1 3  ? -2.081  -2.400  8.830   1.00 11.98 ? 3   DG  A "O5'" 1 
ATOM   41  C  "C5'" . DG  A 1 3  ? -2.429  -1.569  9.922   1.00 12.60 ? 3   DG  A "C5'" 1 
ATOM   42  C  "C4'" . DG  A 1 3  ? -1.881  -0.174  9.731   1.00 11.36 ? 3   DG  A "C4'" 1 
ATOM   43  O  "O4'" . DG  A 1 3  ? -0.454  -0.268  9.724   1.00 11.07 ? 3   DG  A "O4'" 1 
ATOM   44  C  "C3'" . DG  A 1 3  ? -2.249  0.502   8.419   1.00 11.34 ? 3   DG  A "C3'" 1 
ATOM   45  O  "O3'" . DG  A 1 3  ? -3.429  1.248   8.636   1.00 14.16 ? 3   DG  A "O3'" 1 
ATOM   46  C  "C2'" . DG  A 1 3  ? -1.053  1.351   8.062   1.00 11.73 ? 3   DG  A "C2'" 1 
ATOM   47  C  "C1'" . DG  A 1 3  ? 0.133   0.623   8.764   1.00 11.10 ? 3   DG  A "C1'" 1 
ATOM   48  N  N9    . DG  A 1 3  ? 0.955   -0.190  7.878   1.00 9.80  ? 3   DG  A N9    1 
ATOM   49  C  C8    . DG  A 1 3  ? 0.518   -1.098  6.951   1.00 10.12 ? 3   DG  A C8    1 
ATOM   50  N  N7    . DG  A 1 3  ? 1.501   -1.669  6.307   1.00 9.74  ? 3   DG  A N7    1 
ATOM   51  C  C5    . DG  A 1 3  ? 2.655   -1.155  6.887   1.00 9.93  ? 3   DG  A C5    1 
ATOM   52  C  C6    . DG  A 1 3  ? 4.008   -1.352  6.549   1.00 10.23 ? 3   DG  A C6    1 
ATOM   53  O  O6    . DG  A 1 3  ? 4.491   -2.123  5.713   1.00 10.37 ? 3   DG  A O6    1 
ATOM   54  N  N1    . DG  A 1 3  ? 4.857   -0.549  7.310   1.00 9.61  ? 3   DG  A N1    1 
ATOM   55  C  C2    . DG  A 1 3  ? 4.436   0.373   8.227   1.00 9.09  ? 3   DG  A C2    1 
ATOM   56  N  N2    . DG  A 1 3  ? 5.379   1.072   8.821   1.00 10.11 ? 3   DG  A N2    1 
ATOM   57  N  N3    . DG  A 1 3  ? 3.162   0.589   8.525   1.00 11.08 ? 3   DG  A N3    1 
ATOM   58  C  C4    . DG  A 1 3  ? 2.336   -0.213  7.829   1.00 10.79 ? 3   DG  A C4    1 
ATOM   59  P  P     . DG  A 1 4  ? -4.525  1.507   7.526   1.00 17.20 ? 4   DG  A P     1 
ATOM   60  O  OP1   . DG  A 1 4  ? -5.596  2.313   8.231   1.00 23.49 ? 4   DG  A OP1   1 
ATOM   61  O  OP2   . DG  A 1 4  ? -4.782  0.270   6.808   1.00 21.68 ? 4   DG  A OP2   1 
ATOM   62  O  "O5'" . DG  A 1 4  ? -3.854  2.429   6.422   1.00 13.58 ? 4   DG  A "O5'" 1 
ATOM   63  C  "C5'" . DG  A 1 4  ? -3.482  3.790   6.722   1.00 13.43 ? 4   DG  A "C5'" 1 
ATOM   64  C  "C4'" . DG  A 1 4  ? -2.929  4.397   5.467   1.00 12.08 ? 4   DG  A "C4'" 1 
ATOM   65  O  "O4'" . DG  A 1 4  ? -1.700  3.721   5.136   1.00 12.72 ? 4   DG  A "O4'" 1 
ATOM   66  C  "C3'" . DG  A 1 4  ? -3.819  4.312   4.259   1.00 11.38 ? 4   DG  A "C3'" 1 
ATOM   67  O  "O3'" . DG  A 1 4  ? -3.588  5.535   3.526   1.00 13.70 ? 4   DG  A "O3'" 1 
ATOM   68  C  "C2'" . DG  A 1 4  ? -3.273  3.113   3.513   1.00 11.79 ? 4   DG  A "C2'" 1 
ATOM   69  C  "C1'" . DG  A 1 4  ? -1.793  3.226   3.808   1.00 12.06 ? 4   DG  A "C1'" 1 
ATOM   70  N  N9    . DG  A 1 4  ? -1.010  2.004   3.732   1.00 11.42 ? 4   DG  A N9    1 
ATOM   71  C  C8    . DG  A 1 4  ? -1.388  0.758   4.148   1.00 11.28 ? 4   DG  A C8    1 
ATOM   72  N  N7    . DG  A 1 4  ? -0.481  -0.155  3.940   1.00 10.74 ? 4   DG  A N7    1 
ATOM   73  C  C5    . DG  A 1 4  ? 0.572   0.536   3.366   1.00 11.55 ? 4   DG  A C5    1 
ATOM   74  C  C6    . DG  A 1 4  ? 1.854   0.071   2.919   1.00 9.87  ? 4   DG  A C6    1 
ATOM   75  O  O6    . DG  A 1 4  ? 2.342   -1.059  2.961   1.00 10.64 ? 4   DG  A O6    1 
ATOM   76  N  N1    . DG  A 1 4  ? 2.602   1.104   2.349   1.00 9.96  ? 4   DG  A N1    1 
ATOM   77  C  C2    . DG  A 1 4  ? 2.195   2.427   2.307   1.00 10.65 ? 4   DG  A C2    1 
ATOM   78  N  N2    . DG  A 1 4  ? 3.055   3.324   1.787   1.00 11.24 ? 4   DG  A N2    1 
ATOM   79  N  N3    . DG  A 1 4  ? 1.004   2.848   2.703   1.00 10.46 ? 4   DG  A N3    1 
ATOM   80  C  C4    . DG  A 1 4  ? 0.254   1.865   3.223   1.00 11.09 ? 4   DG  A C4    1 
ATOM   81  P  P     . DC  A 1 5  ? -4.548  6.002   2.322   1.00 14.44 ? 5   DC  A P     1 
ATOM   82  O  OP1   . DC  A 1 5  ? -5.338  7.180   2.800   1.00 18.31 ? 5   DC  A OP1   1 
ATOM   83  O  OP2   . DC  A 1 5  ? -5.223  4.873   1.697   1.00 16.28 ? 5   DC  A OP2   1 
ATOM   84  O  "O5'" . DC  A 1 5  ? -3.424  6.480   1.269   1.00 14.28 ? 5   DC  A "O5'" 1 
ATOM   85  C  "C5'" . DC  A 1 5  ? -2.582  7.637   1.548   1.00 13.31 ? 5   DC  A "C5'" 1 
ATOM   86  C  "C4'" . DC  A 1 5  ? -1.376  7.647   0.639   1.00 14.65 ? 5   DC  A "C4'" 1 
ATOM   87  O  "O4'" . DC  A 1 5  ? -0.532  6.532   0.914   1.00 13.14 ? 5   DC  A "O4'" 1 
ATOM   88  C  "C3'" . DC  A 1 5  ? -1.640  7.556   -0.857  1.00 18.63 ? 5   DC  A "C3'" 1 
ATOM   89  O  "O3'" . DC  A 1 5  ? -1.725  8.887   -1.357  1.00 13.27 ? 5   DC  A "O3'" 1 
ATOM   90  C  "C2'" . DC  A 1 5  ? -0.328  6.976   -1.392  1.00 19.76 ? 5   DC  A "C2'" 1 
ATOM   91  C  "C1'" . DC  A 1 5  ? 0.060   6.041   -0.276  1.00 21.57 ? 5   DC  A "C1'" 1 
ATOM   92  N  N1    . DC  A 1 5  ? -0.199  4.610   -0.329  1.00 15.27 ? 5   DC  A N1    1 
ATOM   93  C  C2    . DC  A 1 5  ? 0.851   3.819   -0.748  1.00 14.43 ? 5   DC  A C2    1 
ATOM   94  O  O2    . DC  A 1 5  ? 1.861   4.363   -1.170  1.00 17.65 ? 5   DC  A O2    1 
ATOM   95  N  N3    . DC  A 1 5  ? 0.753   2.488   -0.648  1.00 12.34 ? 5   DC  A N3    1 
ATOM   96  C  C4    . DC  A 1 5  ? -0.354  1.942   -0.143  1.00 11.94 ? 5   DC  A C4    1 
ATOM   97  N  N4    . DC  A 1 5  ? -0.368  0.616   0.046   1.00 10.57 ? 5   DC  A N4    1 
ATOM   98  C  C5    . DC  A 1 5  ? -1.499  2.714   0.152   1.00 14.03 ? 5   DC  A C5    1 
ATOM   99  C  C6    . DC  A 1 5  ? -1.374  4.045   0.075   1.00 14.10 ? 5   DC  A C6    1 
ATOM   100 P  P     . DG  A 1 6  ? -2.441  9.150   -2.763  1.00 15.47 ? 6   DG  A P     1 
ATOM   101 O  OP1   . DG  A 1 6  ? -2.472  10.614  -2.873  1.00 21.71 ? 6   DG  A OP1   1 
ATOM   102 O  OP2   . DG  A 1 6  ? -3.692  8.380   -2.848  1.00 20.44 ? 6   DG  A OP2   1 
ATOM   103 O  "O5'" . DG  A 1 6  ? -1.482  8.540   -3.829  1.00 13.22 ? 6   DG  A "O5'" 1 
ATOM   104 C  "C5'" . DG  A 1 6  ? -0.189  9.072   -4.043  1.00 14.59 ? 6   DG  A "C5'" 1 
ATOM   105 C  "C4'" . DG  A 1 6  ? 0.394   8.412   -5.248  1.00 17.68 ? 6   DG  A "C4'" 1 
ATOM   106 O  "O4'" . DG  A 1 6  ? 0.626   7.028   -4.941  1.00 18.22 ? 6   DG  A "O4'" 1 
ATOM   107 C  "C3'" . DG  A 1 6  ? -0.529  8.462   -6.459  1.00 16.75 ? 6   DG  A "C3'" 1 
ATOM   108 O  "O3'" . DG  A 1 6  ? 0.269   8.734   -7.603  1.00 21.91 ? 6   DG  A "O3'" 1 
ATOM   109 C  "C2'" . DG  A 1 6  ? -1.138  7.076   -6.512  1.00 17.83 ? 6   DG  A "C2'" 1 
ATOM   110 C  "C1'" . DG  A 1 6  ? -0.074  6.174   -5.856  1.00 15.83 ? 6   DG  A "C1'" 1 
ATOM   111 N  N9    . DG  A 1 6  ? -0.636  5.085   -5.059  1.00 13.70 ? 6   DG  A N9    1 
ATOM   112 C  C8    . DG  A 1 6  ? -1.770  5.102   -4.297  1.00 13.41 ? 6   DG  A C8    1 
ATOM   113 N  N7    . DG  A 1 6  ? -1.974  3.984   -3.658  1.00 12.46 ? 6   DG  A N7    1 
ATOM   114 C  C5    . DG  A 1 6  ? -0.931  3.163   -4.066  1.00 12.31 ? 6   DG  A C5    1 
ATOM   115 C  C6    . DG  A 1 6  ? -0.630  1.804   -3.724  1.00 10.94 ? 6   DG  A C6    1 
ATOM   116 O  O6    . DG  A 1 6  ? -1.278  1.006   -3.029  1.00 10.92 ? 6   DG  A O6    1 
ATOM   117 N  N1    . DG  A 1 6  ? 0.528   1.363   -4.357  1.00 12.49 ? 6   DG  A N1    1 
ATOM   118 C  C2    . DG  A 1 6  ? 1.296   2.139   -5.199  1.00 15.89 ? 6   DG  A C2    1 
ATOM   119 N  N2    . DG  A 1 6  ? 2.358   1.539   -5.742  1.00 22.83 ? 6   DG  A N2    1 
ATOM   120 N  N3    . DG  A 1 6  ? 1.005   3.386   -5.539  1.00 17.38 ? 6   DG  A N3    1 
ATOM   121 C  C4    . DG  A 1 6  ? -0.092  3.840   -4.917  1.00 12.80 ? 6   DG  A C4    1 
ATOM   122 P  P     . DC  A 1 7  ? -0.434  8.983   -9.038  1.00 26.39 ? 7   DC  A P     1 
ATOM   123 O  OP1   . DC  A 1 7  ? 0.345   9.922   -9.822  1.00 27.40 ? 7   DC  A OP1   1 
ATOM   124 O  OP2   . DC  A 1 7  ? -1.922  9.119   -8.906  1.00 30.13 ? 7   DC  A OP2   1 
ATOM   125 O  "O5'" . DC  A 1 7  ? -0.286  7.524   -9.691  1.00 20.75 ? 7   DC  A "O5'" 1 
ATOM   126 C  "C5'" . DC  A 1 7  ? 0.991   6.922   -9.972  1.00 17.67 ? 7   DC  A "C5'" 1 
ATOM   127 C  "C4'" . DC  A 1 7  ? 0.802   5.465   -10.306 1.00 14.91 ? 7   DC  A "C4'" 1 
ATOM   128 O  "O4'" . DC  A 1 7  ? 0.464   4.728   -9.113  1.00 15.53 ? 7   DC  A "O4'" 1 
ATOM   129 C  "C3'" . DC  A 1 7  ? -0.305  5.139   -11.298 1.00 12.90 ? 7   DC  A "C3'" 1 
ATOM   130 O  "O3'" . DC  A 1 7  ? 0.176   5.388   -12.634 1.00 14.40 ? 7   DC  A "O3'" 1 
ATOM   131 C  "C2'" . DC  A 1 7  ? -0.528  3.652   -11.003 1.00 13.21 ? 7   DC  A "C2'" 1 
ATOM   132 C  "C1'" . DC  A 1 7  ? -0.049  3.480   -9.553  1.00 12.33 ? 7   DC  A "C1'" 1 
ATOM   133 N  N1    . DC  A 1 7  ? -1.089  3.114   -8.585  1.00 11.39 ? 7   DC  A N1    1 
ATOM   134 C  C2    . DC  A 1 7  ? -1.029  1.887   -7.931  1.00 11.80 ? 7   DC  A C2    1 
ATOM   135 O  O2    . DC  A 1 7  ? -0.134  1.089   -8.212  1.00 13.73 ? 7   DC  A O2    1 
ATOM   136 N  N3    . DC  A 1 7  ? -1.939  1.594   -6.968  1.00 11.43 ? 7   DC  A N3    1 
ATOM   137 C  C4    . DC  A 1 7  ? -2.926  2.460   -6.699  1.00 12.00 ? 7   DC  A C4    1 
ATOM   138 N  N4    . DC  A 1 7  ? -3.831  2.116   -5.786  1.00 11.65 ? 7   DC  A N4    1 
ATOM   139 C  C5    . DC  A 1 7  ? -3.044  3.710   -7.389  1.00 11.93 ? 7   DC  A C5    1 
ATOM   140 C  C6    . DC  A 1 7  ? -2.091  4.004   -8.298  1.00 12.80 ? 7   DC  A C6    1 
ATOM   141 P  P     . DC  A 1 8  ? -0.794  5.960   -13.761 1.00 15.84 ? 8   DC  A P     1 
ATOM   142 O  OP1   . DC  A 1 8  ? 0.058   6.234   -14.952 1.00 19.90 ? 8   DC  A OP1   1 
ATOM   143 O  OP2   . DC  A 1 8  ? -1.654  7.001   -13.175 1.00 19.22 ? 8   DC  A OP2   1 
ATOM   144 O  "O5'" . DC  A 1 8  ? -1.801  4.742   -14.091 1.00 13.87 ? 8   DC  A "O5'" 1 
ATOM   145 C  "C5'" . DC  A 1 8  ? -1.316  3.543   -14.724 1.00 13.42 ? 8   DC  A "C5'" 1 
ATOM   146 C  "C4'" . DC  A 1 8  ? -2.483  2.612   -14.875 1.00 12.75 ? 8   DC  A "C4'" 1 
ATOM   147 O  "O4'" . DC  A 1 8  ? -2.973  2.267   -13.588 1.00 12.97 ? 8   DC  A "O4'" 1 
ATOM   148 C  "C3'" . DC  A 1 8  ? -3.668  3.182   -15.616 1.00 14.56 ? 8   DC  A "C3'" 1 
ATOM   149 O  "O3'" . DC  A 1 8  ? -3.678  2.557   -16.896 1.00 15.37 ? 8   DC  A "O3'" 1 
ATOM   150 C  "C2'" . DC  A 1 8  ? -4.878  2.803   -14.759 1.00 14.00 ? 8   DC  A "C2'" 1 
ATOM   151 C  "C1'" . DC  A 1 8  ? -4.328  1.904   -13.648 1.00 13.67 ? 8   DC  A "C1'" 1 
ATOM   152 N  N1    . DC  A 1 8  ? -4.882  2.107   -12.296 1.00 10.75 ? 8   DC  A N1    1 
ATOM   153 C  C2    . DC  A 1 8  ? -5.429  1.033   -11.592 1.00 11.13 ? 8   DC  A C2    1 
ATOM   154 O  O2    . DC  A 1 8  ? -5.551  -0.063  -12.167 1.00 11.94 ? 8   DC  A O2    1 
ATOM   155 N  N3    . DC  A 1 8  ? -5.836  1.224   -10.326 1.00 11.07 ? 8   DC  A N3    1 
ATOM   156 C  C4    . DC  A 1 8  ? -5.718  2.420   -9.761  1.00 11.77 ? 8   DC  A C4    1 
ATOM   157 N  N4    . DC  A 1 8  ? -6.095  2.550   -8.495  1.00 12.13 ? 8   DC  A N4    1 
ATOM   158 C  C5    . DC  A 1 8  ? -5.206  3.534   -10.466 1.00 13.06 ? 8   DC  A C5    1 
ATOM   159 C  C6    . DC  A 1 8  ? -4.789  3.336   -11.716 1.00 13.54 ? 8   DC  A C6    1 
ATOM   160 P  P     . DG  A 1 9  ? -4.499  3.152   -18.137 1.00 17.75 ? 9   DG  A P     1 
ATOM   161 O  OP1   . DG  A 1 9  ? -3.838  2.544   -19.373 1.00 23.25 ? 9   DG  A OP1   1 
ATOM   162 O  OP2   . DG  A 1 9  ? -4.655  4.598   -17.951 1.00 21.36 ? 9   DG  A OP2   1 
ATOM   163 O  "O5'" . DG  A 1 9  ? -5.974  2.563   -17.949 1.00 15.86 ? 9   DG  A "O5'" 1 
ATOM   164 C  "C5'" . DG  A 1 9  ? -6.185  1.149   -18.088 1.00 17.81 ? 9   DG  A "C5'" 1 
ATOM   165 C  "C4'" . DG  A 1 9  ? -7.603  0.831   -17.709 1.00 18.88 ? 9   DG  A "C4'" 1 
ATOM   166 O  "O4'" . DG  A 1 9  ? -7.668  1.079   -16.288 1.00 17.48 ? 9   DG  A "O4'" 1 
ATOM   167 C  "C3'" . DG  A 1 9  ? -8.649  1.751   -18.334 1.00 23.22 ? 9   DG  A "C3'" 1 
ATOM   168 O  "O3'" . DG  A 1 9  ? -9.770  0.980   -18.595 1.00 33.66 ? 9   DG  A "O3'" 1 
ATOM   169 C  "C2'" . DG  A 1 9  ? -9.041  2.703   -17.232 1.00 20.10 ? 9   DG  A "C2'" 1 
ATOM   170 C  "C1'" . DG  A 1 9  ? -8.806  1.837   -16.023 1.00 18.83 ? 9   DG  A "C1'" 1 
ATOM   171 N  N9    . DG  A 1 9  ? -8.631  2.521   -14.755 1.00 15.91 ? 9   DG  A N9    1 
ATOM   172 C  C8    . DG  A 1 9  ? -8.345  3.841   -14.506 1.00 17.41 ? 9   DG  A C8    1 
ATOM   173 N  N7    . DG  A 1 9  ? -8.275  4.120   -13.233 1.00 15.90 ? 9   DG  A N7    1 
ATOM   174 C  C5    . DG  A 1 9  ? -8.563  2.917   -12.607 1.00 14.54 ? 9   DG  A C5    1 
ATOM   175 C  C6    . DG  A 1 9  ? -8.768  2.605   -11.237 1.00 14.80 ? 9   DG  A C6    1 
ATOM   176 O  O6    . DG  A 1 9  ? -8.697  3.343   -10.255 1.00 14.35 ? 9   DG  A O6    1 
ATOM   177 N  N1    . DG  A 1 9  ? -9.046  1.265   -11.056 1.00 12.80 ? 9   DG  A N1    1 
ATOM   178 C  C2    . DG  A 1 9  ? -9.168  0.343   -12.059 1.00 12.01 ? 9   DG  A C2    1 
ATOM   179 N  N2    . DG  A 1 9  ? -9.404  -0.910  -11.694 1.00 13.17 ? 9   DG  A N2    1 
ATOM   180 N  N3    . DG  A 1 9  ? -9.052  0.630   -13.336 1.00 14.06 ? 9   DG  A N3    1 
ATOM   181 C  C4    . DG  A 1 9  ? -8.785  1.925   -13.537 1.00 14.82 ? 9   DG  A C4    1 
ATOM   182 P  P     . DA  A 1 10 ? -10.203 0.830   -20.163 1.00 34.72 ? 10  DA  A P     1 
ATOM   183 O  OP1   . DA  A 1 10 ? -10.171 2.133   -20.766 1.00 29.28 ? 10  DA  A OP1   1 
ATOM   184 O  OP2   . DA  A 1 10 ? -11.375 -0.093  -20.040 1.00 34.48 ? 10  DA  A OP2   1 
ATOM   185 O  "O5'" . DA  A 1 10 ? -9.010  0.115   -20.922 1.00 29.69 ? 10  DA  A "O5'" 1 
ATOM   186 C  "C5'" . DA  A 1 10 ? -8.993  -1.277  -20.894 1.00 27.03 ? 10  DA  A "C5'" 1 
ATOM   187 C  "C4'" . DA  A 1 10 ? -7.719  -1.690  -21.567 1.00 23.75 ? 10  DA  A "C4'" 1 
ATOM   188 O  "O4'" . DA  A 1 10 ? -6.635  -1.300  -20.678 1.00 21.67 ? 10  DA  A "O4'" 1 
ATOM   189 C  "C3'" . DA  A 1 10 ? -7.583  -3.197  -21.778 1.00 29.65 ? 10  DA  A "C3'" 1 
ATOM   190 O  "O3'" . DA  A 1 10 ? -6.804  -3.390  -22.967 1.00 34.64 ? 10  DA  A "O3'" 1 
ATOM   191 C  "C2'" . DA  A 1 10 ? -6.814  -3.648  -20.547 1.00 31.34 ? 10  DA  A "C2'" 1 
ATOM   192 C  "C1'" . DA  A 1 10 ? -5.895  -2.453  -20.302 1.00 24.47 ? 10  DA  A "C1'" 1 
ATOM   193 N  N9    . DA  A 1 10 ? -5.352  -2.232  -18.946 1.00 19.53 ? 10  DA  A N9    1 
ATOM   194 C  C8    . DA  A 1 10 ? -5.879  -2.565  -17.729 1.00 21.23 ? 10  DA  A C8    1 
ATOM   195 N  N7    . DA  A 1 10 ? -5.096  -2.269  -16.717 1.00 16.98 ? 10  DA  A N7    1 
ATOM   196 C  C5    . DA  A 1 10 ? -4.009  -1.655  -17.311 1.00 14.75 ? 10  DA  A C5    1 
ATOM   197 C  C6    . DA  A 1 10 ? -2.833  -1.122  -16.792 1.00 14.63 ? 10  DA  A C6    1 
ATOM   198 N  N6    . DA  A 1 10 ? -2.535  -1.102  -15.493 1.00 12.78 ? 10  DA  A N6    1 
ATOM   199 N  N1    . DA  A 1 10 ? -1.941  -0.590  -17.665 1.00 15.07 ? 10  DA  A N1    1 
ATOM   200 C  C2    . DA  A 1 10 ? -2.222  -0.662  -18.992 1.00 16.36 ? 10  DA  A C2    1 
ATOM   201 N  N3    . DA  A 1 10 ? -3.279  -1.174  -19.584 1.00 17.12 ? 10  DA  A N3    1 
ATOM   202 C  C4    . DA  A 1 10 ? -4.141  -1.657  -18.685 1.00 18.13 ? 10  DA  A C4    1 
HETATM 203 BA BA    . BA  B 2 .  ? 0.521   -3.070  3.872   1.00 11.21 ? 101 BA  A BA    1 
HETATM 204 C  C53   . RML C 3 .  ? 15.860  -3.979  9.442   1.00 30.86 ? 102 RML A C53   1 
HETATM 205 C  C17   . RML C 3 .  ? 14.367  -4.200  9.687   1.00 23.38 ? 102 RML A C17   1 
HETATM 206 C  C18   . RML C 3 .  ? 13.627  -4.988  8.796   1.00 23.16 ? 102 RML A C18   1 
HETATM 207 C  C52   . RML C 3 .  ? 14.283  -5.618  7.577   1.00 32.07 ? 102 RML A C52   1 
HETATM 208 C  C14   . RML C 3 .  ? 12.282  -5.183  8.986   1.00 19.38 ? 102 RML A C14   1 
HETATM 209 C  C16   . RML C 3 .  ? 13.726  -3.600  10.753  1.00 17.80 ? 102 RML A C16   1 
HETATM 210 C  C15   . RML C 3 .  ? 12.328  -3.798  10.990  1.00 15.61 ? 102 RML A C15   1 
HETATM 211 N  N3    . RML C 3 .  ? 11.760  -3.195  12.007  1.00 14.81 ? 102 RML A N3    1 
HETATM 212 C  C13   . RML C 3 .  ? 11.612  -4.591  10.098  1.00 15.55 ? 102 RML A C13   1 
HETATM 213 N  N4    . RML C 3 .  ? 10.319  -4.777  10.258  1.00 14.79 ? 102 RML A N4    1 
HETATM 214 C  C7    . RML C 3 .  ? 9.708   -4.186  11.308  1.00 13.95 ? 102 RML A C7    1 
HETATM 215 C  C6    . RML C 3 .  ? 10.459  -3.414  12.222  1.00 13.41 ? 102 RML A C6    1 
HETATM 216 C  C5    . RML C 3 .  ? 9.825   -2.772  13.343  1.00 12.12 ? 102 RML A C5    1 
HETATM 217 C  C4    . RML C 3 .  ? 10.469  -2.011  14.268  1.00 12.46 ? 102 RML A C4    1 
HETATM 218 C  C3    . RML C 3 .  ? 9.796   -1.468  15.332  1.00 13.24 ? 102 RML A C3    1 
HETATM 219 C  C2    . RML C 3 .  ? 8.461   -1.712  15.527  1.00 12.15 ? 102 RML A C2    1 
HETATM 220 C  C8    . RML C 3 .  ? 8.305   -4.396  11.527  1.00 13.01 ? 102 RML A C8    1 
HETATM 221 C  C10   . RML C 3 .  ? 7.676   -3.748  12.618  1.00 11.30 ? 102 RML A C10   1 
HETATM 222 C  C1    . RML C 3 .  ? 8.421   -2.990  13.575  1.00 11.97 ? 102 RML A C1    1 
HETATM 223 N  N2    . RML C 3 .  ? 7.743   -2.501  14.673  1.00 11.02 ? 102 RML A N2    1 
HETATM 224 N  N1    . RML C 3 .  ? 6.305   -3.817  12.816  1.00 10.58 ? 102 RML A N1    1 
HETATM 225 C  C12   . RML C 3 .  ? 5.571   -4.598  12.027  1.00 11.25 ? 102 RML A C12   1 
HETATM 226 C  C11   . RML C 3 .  ? 6.161   -5.234  10.954  1.00 12.22 ? 102 RML A C11   1 
HETATM 227 C  C9    . RML C 3 .  ? 7.500   -5.097  10.656  1.00 13.06 ? 102 RML A C9    1 
HETATM 228 RU RU    . RML C 3 .  ? 5.730   -2.935  14.561  1.00 10.91 ? 102 RML A RU    1 
HETATM 229 N  N8    . RML C 3 .  ? 3.783   -3.335  14.286  1.00 11.30 ? 102 RML A N8    1 
HETATM 230 C  C28   . RML C 3 .  ? 2.963   -4.334  14.541  1.00 12.29 ? 102 RML A C28   1 
HETATM 231 C  C27   . RML C 3 .  ? 1.582   -4.350  14.172  1.00 13.84 ? 102 RML A C27   1 
HETATM 232 N  N7    . RML C 3 .  ? 1.045   -3.324  13.529  1.00 13.40 ? 102 RML A N7    1 
HETATM 233 C  C26   . RML C 3 .  ? 3.228   -2.289  13.571  1.00 12.76 ? 102 RML A C26   1 
HETATM 234 C  C25   . RML C 3 .  ? 1.841   -2.303  13.156  1.00 13.44 ? 102 RML A C25   1 
HETATM 235 C  C24   . RML C 3 .  ? 1.271   -1.200  12.436  1.00 15.19 ? 102 RML A C24   1 
HETATM 236 C  C23   . RML C 3 .  ? 2.129   -0.161  12.071  1.00 15.62 ? 102 RML A C23   1 
HETATM 237 C  C22   . RML C 3 .  ? 3.464   -0.100  12.489  1.00 15.81 ? 102 RML A C22   1 
HETATM 238 N  N6    . RML C 3 .  ? 4.185   0.982   12.188  1.00 15.84 ? 102 RML A N6    1 
HETATM 239 C  C19   . RML C 3 .  ? 4.047   -1.198  13.227  1.00 14.67 ? 102 RML A C19   1 
HETATM 240 N  N5    . RML C 3 .  ? 5.339   -1.237  13.569  1.00 11.68 ? 102 RML A N5    1 
HETATM 241 C  C20   . RML C 3 .  ? 5.990   -0.079  13.272  1.00 14.76 ? 102 RML A C20   1 
HETATM 242 C  C21   . RML C 3 .  ? 5.443   0.979   12.556  1.00 16.42 ? 102 RML A C21   1 
HETATM 243 N  N12   . RML C 3 .  ? 5.244   -2.156  16.403  1.00 9.58  ? 102 RML A N12   1 
HETATM 244 C  C38   . RML C 3 .  ? 5.004   -0.940  16.823  1.00 10.22 ? 102 RML A C38   1 
HETATM 245 C  C37   . RML C 3 .  ? 4.654   -0.724  18.204  1.00 11.09 ? 102 RML A C37   1 
HETATM 246 N  N11   . RML C 3 .  ? 4.665   -1.672  19.095  1.00 10.72 ? 102 RML A N11   1 
HETATM 247 C  C36   . RML C 3 .  ? 5.287   -3.135  17.350  1.00 10.05 ? 102 RML A C36   1 
HETATM 248 C  C29   . RML C 3 .  ? 5.670   -4.454  16.967  1.00 10.21 ? 102 RML A C29   1 
HETATM 249 N  N9    . RML C 3 .  ? 5.994   -4.639  15.637  1.00 9.70  ? 102 RML A N9    1 
HETATM 250 C  C30   . RML C 3 .  ? 6.330   -5.883  15.300  1.00 10.82 ? 102 RML A C30   1 
HETATM 251 C  C31   . RML C 3 .  ? 6.335   -6.905  16.268  1.00 11.31 ? 102 RML A C31   1 
HETATM 252 C  C35   . RML C 3 .  ? 5.006   -2.924  18.686  1.00 9.26  ? 102 RML A C35   1 
HETATM 253 C  C34   . RML C 3 .  ? 4.997   -3.997  19.596  1.00 10.87 ? 102 RML A C34   1 
HETATM 254 C  C33   . RML C 3 .  ? 5.350   -5.244  19.236  1.00 10.54 ? 102 RML A C33   1 
HETATM 255 C  C32   . RML C 3 .  ? 5.717   -5.524  17.887  1.00 10.44 ? 102 RML A C32   1 
HETATM 256 N  N10   . RML C 3 .  ? 6.077   -6.794  17.547  1.00 10.58 ? 102 RML A N10   1 
HETATM 257 CL CL    . CL  D 4 .  ? 7.170   4.010   7.958   0.80 19.33 ? 103 CL  A CL    1 
HETATM 258 O  O     . HOH E 5 .  ? 0.349   -4.933  5.990   1.00 13.89 ? 201 HOH A O     1 
HETATM 259 O  O     . HOH E 5 .  ? -1.841  -2.734  5.441   1.00 12.80 ? 202 HOH A O     1 
HETATM 260 O  O     . HOH E 5 .  ? 0.436   -5.672  2.831   1.00 26.73 ? 203 HOH A O     1 
HETATM 261 O  O     . HOH E 5 .  ? -5.908  4.028   -4.794  1.00 24.00 ? 204 HOH A O     1 
HETATM 262 O  O     . HOH E 5 .  ? -8.708  -1.808  -14.601 1.00 17.81 ? 205 HOH A O     1 
HETATM 263 O  O     . HOH E 5 .  ? 2.957   3.386   9.337   1.00 20.61 ? 206 HOH A O     1 
HETATM 264 O  O     . HOH E 5 .  ? -4.015  -1.201  4.763   1.00 23.52 ? 207 HOH A O     1 
HETATM 265 O  O     . HOH E 5 .  ? -4.402  3.394   -2.424  1.00 18.74 ? 208 HOH A O     1 
HETATM 266 O  O     . HOH E 5 .  ? -6.929  6.467   -12.531 1.00 23.52 ? 209 HOH A O     1 
HETATM 267 O  O     . HOH E 5 .  ? -3.334  -0.670  -22.366 1.00 28.67 ? 210 HOH A O     1 
HETATM 268 O  O     . HOH E 5 .  ? -4.624  8.529   4.976   1.00 21.28 ? 211 HOH A O     1 
HETATM 269 O  O     . HOH E 5 .  ? -4.174  6.457   -11.969 1.00 23.56 ? 212 HOH A O     1 
HETATM 270 O  O     . HOH E 5 .  ? 4.704   -9.289  7.481   1.00 24.45 ? 213 HOH A O     1 
HETATM 271 O  O     . HOH E 5 .  ? 0.385   4.234   9.699   1.00 22.98 ? 214 HOH A O     1 
HETATM 272 O  O     . HOH E 5 .  ? 3.254   4.036   12.133  1.00 22.60 ? 215 HOH A O     1 
HETATM 273 O  O     . HOH E 5 .  ? 1.445   -7.510  6.187   1.00 21.29 ? 216 HOH A O     1 
HETATM 274 O  O     . HOH E 5 .  ? -5.274  2.485   10.895  1.00 29.56 ? 217 HOH A O     1 
HETATM 275 O  O     . HOH E 5 .  ? -6.347  5.531   -7.905  1.00 24.38 ? 218 HOH A O     1 
HETATM 276 O  O     . HOH E 5 .  ? 7.483   -12.292 11.529  1.00 31.71 ? 219 HOH A O     1 
HETATM 277 O  O     . HOH E 5 .  ? -2.571  -8.459  8.877   1.00 39.18 ? 220 HOH A O     1 
HETATM 278 O  O     . HOH E 5 .  ? 6.114   -7.733  5.458   1.00 30.46 ? 221 HOH A O     1 
HETATM 279 O  O     . HOH E 5 .  ? -5.873  7.515   -1.689  1.00 30.50 ? 222 HOH A O     1 
HETATM 280 O  O     . HOH E 5 .  ? 1.442   2.819   13.814  1.00 14.93 ? 223 HOH A O     1 
HETATM 281 O  O     . HOH E 5 .  ? 1.175   -3.100  1.124   1.00 14.05 ? 224 HOH A O     1 
HETATM 282 O  O     . HOH E 5 .  ? 2.825   1.047   15.461  1.00 13.73 ? 225 HOH A O     1 
HETATM 283 O  O     . HOH E 5 .  ? 4.709   2.610   16.877  1.00 19.62 ? 226 HOH A O     1 
HETATM 284 O  O     . HOH E 5 .  ? -3.369  -0.084  1.430   1.00 10.46 ? 227 HOH A O     1 
HETATM 285 O  O     . HOH E 5 .  ? 0.836   5.682   3.182   1.00 12.38 ? 228 HOH A O     1 
HETATM 286 O  O     . HOH E 5 .  ? -0.524  2.411   11.777  1.00 15.54 ? 229 HOH A O     1 
HETATM 287 O  O     . HOH E 5 .  ? 3.483   -7.495  14.303  1.00 20.82 ? 230 HOH A O     1 
HETATM 288 O  O     . HOH E 5 .  ? -1.785  -2.880  2.294   1.00 23.61 ? 231 HOH A O     1 
HETATM 289 O  O     . HOH E 5 .  ? 10.741  -4.584  5.277   1.00 23.90 ? 232 HOH A O     1 
HETATM 290 O  O     . HOH E 5 .  ? -3.642  6.800   -9.306  1.00 24.08 ? 233 HOH A O     1 
HETATM 291 O  O     . HOH E 5 .  ? 0.585   -8.383  14.371  1.00 24.72 ? 234 HOH A O     1 
HETATM 292 O  O     . HOH E 5 .  ? 1.183   12.352  -5.765  1.00 25.97 ? 235 HOH A O     1 
HETATM 293 O  O     . HOH E 5 .  ? 3.157   -3.959  4.151   1.00 12.61 ? 236 HOH A O     1 
HETATM 294 O  O     . HOH E 5 .  ? -1.272  -6.122  13.977  1.00 26.94 ? 237 HOH A O     1 
HETATM 295 O  O     . HOH E 5 .  ? 3.394   -6.734  4.241   1.00 29.27 ? 238 HOH A O     1 
HETATM 296 O  O     . HOH E 5 .  ? -7.029  -5.756  -14.836 1.00 32.92 ? 239 HOH A O     1 
HETATM 297 O  O     . HOH E 5 .  ? 11.763  -8.885  7.450   1.00 37.68 ? 240 HOH A O     1 
HETATM 298 O  O     . HOH E 5 .  ? 3.943   4.410   -9.240  1.00 32.22 ? 241 HOH A O     1 
HETATM 299 O  O     . HOH E 5 .  ? -0.904  -9.886  12.308  1.00 37.89 ? 242 HOH A O     1 
HETATM 300 O  O     . HOH E 5 .  ? -4.695  1.841   -21.773 1.00 31.44 ? 243 HOH A O     1 
HETATM 301 O  O     . HOH E 5 .  ? -5.964  5.077   -0.854  1.00 30.79 ? 244 HOH A O     1 
HETATM 302 O  O     . HOH E 5 .  ? -3.124  3.018   12.151  1.00 32.39 ? 245 HOH A O     1 
HETATM 303 O  O     . HOH E 5 .  ? -2.867  -6.746  6.474   1.00 34.38 ? 246 HOH A O     1 
HETATM 304 O  O     . HOH E 5 .  ? -4.545  6.903   -4.961  1.00 33.32 ? 247 HOH A O     1 
HETATM 305 O  O     . HOH E 5 .  ? -3.869  -6.900  10.360  0.60 22.39 ? 248 HOH A O     1 
HETATM 306 O  O     . HOH E 5 .  ? -13.056 -0.676  -22.362 1.00 96.52 ? 249 HOH A O     1 
HETATM 307 O  O     . HOH E 5 .  ? -9.998  -5.311  -19.984 1.00 43.11 ? 250 HOH A O     1 
HETATM 308 O  O     . HOH E 5 .  ? -3.949  -4.551  3.412   1.00 38.58 ? 251 HOH A O     1 
HETATM 309 O  O     . HOH E 5 .  ? 10.153  -11.550 11.136  1.00 45.04 ? 252 HOH A O     1 
HETATM 310 O  O     . HOH E 5 .  ? -5.213  2.082   0.718   1.00 54.40 ? 253 HOH A O     1 
HETATM 311 O  O     . HOH E 5 .  ? -7.353  5.845   -16.865 1.00 38.24 ? 254 HOH A O     1 
HETATM 312 O  O     . HOH E 5 .  ? -5.249  6.068   -20.367 1.00 41.17 ? 255 HOH A O     1 
HETATM 313 O  O     . HOH E 5 .  ? 2.975   4.949   -6.782  1.00 24.67 ? 256 HOH A O     1 
HETATM 314 O  O     . HOH E 5 .  ? 4.508   4.658   -4.911  1.00 46.97 ? 257 HOH A O     1 
HETATM 315 O  O     . HOH E 5 .  ? 10.933  -7.265  5.198   1.00 38.97 ? 258 HOH A O     1 
HETATM 316 O  O     . HOH E 5 .  ? -9.850  -2.787  -16.914 1.00 41.78 ? 259 HOH A O     1 
HETATM 317 O  O     . HOH E 5 .  ? 1.757   -11.549 6.817   1.00 43.13 ? 260 HOH A O     1 
HETATM 318 O  O     . HOH E 5 .  ? 13.957  -2.353  13.719  1.00 38.33 ? 261 HOH A O     1 
HETATM 319 O  O     . HOH E 5 .  ? -5.504  -3.537  5.843   1.00 41.64 ? 262 HOH A O     1 
HETATM 320 O  O     . HOH E 5 .  ? -1.242  2.800   -20.171 1.00 38.16 ? 263 HOH A O     1 
HETATM 321 O  O     . HOH E 5 .  ? 7.152   1.539   15.700  1.00 36.97 ? 264 HOH A O     1 
HETATM 322 O  O     . HOH E 5 .  ? -1.801  12.449  -5.015  1.00 42.43 ? 265 HOH A O     1 
HETATM 323 O  O     . HOH E 5 .  ? 6.415   -6.618  4.280   1.00 39.41 ? 266 HOH A O     1 
HETATM 324 O  O     . HOH E 5 .  ? 1.474   12.016  -8.468  1.00 41.38 ? 267 HOH A O     1 
HETATM 325 O  O     . HOH E 5 .  ? 3.536   9.491   -8.144  1.00 37.75 ? 268 HOH A O     1 
HETATM 326 O  O     . HOH E 5 .  ? -0.326  -12.375 10.337  1.00 51.40 ? 269 HOH A O     1 
HETATM 327 O  O     . HOH E 5 .  ? 8.769   -8.352  4.400   1.00 42.64 ? 270 HOH A O     1 
HETATM 328 O  O     . HOH E 5 .  ? -5.358  6.217   -16.185 1.00 53.57 ? 271 HOH A O     1 
HETATM 329 O  O     . HOH E 5 .  ? -3.025  -6.234  11.557  0.40 16.03 ? 272 HOH A O     1 
HETATM 330 O  O     . HOH E 5 .  ? -6.198  -3.212  -14.385 1.00 20.93 ? 273 HOH A O     1 
HETATM 331 O  O     . HOH E 5 .  ? -5.324  6.897   7.148   1.00 37.12 ? 274 HOH A O     1 
HETATM 332 O  O     . HOH E 5 .  ? 6.432   3.765   15.077  1.00 69.73 ? 275 HOH A O     1 
HETATM 333 O  O     . HOH E 5 .  ? -6.001  9.167   0.916   0.50 24.25 ? 276 HOH A O     1 
HETATM 334 O  O     . HOH E 5 .  ? -9.118  6.053   -18.852 0.50 25.39 ? 277 HOH A O     1 
HETATM 335 O  O     . HOH E 5 .  ? -11.146 4.328   -19.314 0.50 24.41 ? 278 HOH A O     1 
HETATM 336 O  O     . HOH E 5 .  ? 5.588   -11.882 7.309   0.50 24.86 ? 279 HOH A O     1 
HETATM 337 O  O     . HOH E 5 .  ? 3.715   6.992   -17.300 0.50 26.02 ? 280 HOH A O     1 
HETATM 338 O  O     . HOH E 5 .  ? 2.288   7.978   -14.522 0.50 26.65 ? 281 HOH A O     1 
HETATM 339 O  O     . HOH E 5 .  ? 2.663   12.582  -12.742 0.50 47.17 ? 282 HOH A O     1 
HETATM 340 O  O     . HOH E 5 .  ? 1.660   10.272  -12.298 0.50 27.60 ? 283 HOH A O     1 
HETATM 341 O  O     . HOH E 5 .  ? 4.833   6.419   -10.667 0.50 31.27 ? 284 HOH A O     1 
HETATM 342 O  O     . HOH E 5 .  ? 3.685   7.559   -6.674  0.50 26.42 ? 285 HOH A O     1 
HETATM 343 O  O     . HOH E 5 .  ? 6.851   6.554   -6.459  0.50 32.16 ? 286 HOH A O     1 
HETATM 344 O  O     . HOH E 5 .  ? -6.940  -5.792  -17.123 0.50 38.88 ? 287 HOH A O     1 
HETATM 345 O  O     . HOH E 5 .  ? 3.607   8.009   -12.049 0.50 34.03 ? 288 HOH A O     1 
HETATM 346 O  O     . HOH E 5 .  ? 4.174   7.213   -4.330  0.50 26.47 ? 289 HOH A O     1 
HETATM 347 O  O     . HOH E 5 .  ? -6.993  4.742   7.455   0.50 28.72 ? 290 HOH A O     1 
HETATM 348 O  O     . HOH E 5 .  ? -2.052  -6.810  3.681   0.50 29.53 ? 291 HOH A O     1 
HETATM 349 O  O     . HOH E 5 .  ? -0.834  -7.667  4.632   0.50 28.41 ? 292 HOH A O     1 
HETATM 350 O  O     . HOH E 5 .  ? -6.918  1.240   3.633   0.50 33.57 ? 293 HOH A O     1 
HETATM 351 O  O     . HOH E 5 .  ? -8.358  4.268   -1.332  0.50 33.63 ? 294 HOH A O     1 
HETATM 352 O  O     . HOH E 5 .  ? -8.128  -6.788  -21.278 0.50 34.18 ? 295 HOH A O     1 
HETATM 353 O  O     . HOH E 5 .  ? -5.012  -1.670  -24.015 0.50 32.01 ? 296 HOH A O     1 
HETATM 354 O  O     . HOH E 5 .  ? -1.999  -4.543  13.674  0.50 27.90 ? 297 HOH A O     1 
HETATM 355 O  O     . HOH E 5 .  ? -4.174  -10.535 8.707   0.50 35.28 ? 298 HOH A O     1 
HETATM 356 O  O     . HOH E 5 .  ? -3.229  6.885   -17.527 0.50 31.40 ? 299 HOH A O     1 
HETATM 357 O  O     . HOH E 5 .  ? -7.744  3.504   5.034   0.50 34.83 ? 300 HOH A O     1 
HETATM 358 O  O     . HOH E 5 .  ? -8.745  -6.818  -18.726 0.50 36.49 ? 301 HOH A O     1 
# 
loop_
_atom_site_anisotrop.id 
_atom_site_anisotrop.type_symbol 
_atom_site_anisotrop.pdbx_label_atom_id 
_atom_site_anisotrop.pdbx_label_alt_id 
_atom_site_anisotrop.pdbx_label_comp_id 
_atom_site_anisotrop.pdbx_label_asym_id 
_atom_site_anisotrop.pdbx_label_seq_id 
_atom_site_anisotrop.pdbx_PDB_ins_code 
_atom_site_anisotrop.U[1][1] 
_atom_site_anisotrop.U[2][2] 
_atom_site_anisotrop.U[3][3] 
_atom_site_anisotrop.U[1][2] 
_atom_site_anisotrop.U[1][3] 
_atom_site_anisotrop.U[2][3] 
_atom_site_anisotrop.pdbx_auth_seq_id 
_atom_site_anisotrop.pdbx_auth_comp_id 
_atom_site_anisotrop.pdbx_auth_asym_id 
_atom_site_anisotrop.pdbx_auth_atom_id 
1   O  "O5'" . DT  A 1 ? 0.3562 0.2412 0.2413 -0.0348 0.0036  -0.0094 1   DT  A "O5'" 
2   C  "C5'" . DT  A 1 ? 0.3014 0.1893 0.2189 -0.0208 -0.0111 -0.0115 1   DT  A "C5'" 
3   C  "C4'" . DT  A 1 ? 0.2845 0.1617 0.2136 -0.0764 -0.0653 0.0292  1   DT  A "C4'" 
4   O  "O4'" . DT  A 1 ? 0.3073 0.2159 0.2877 -0.0898 -0.0817 0.0367  1   DT  A "O4'" 
5   C  "C3'" . DT  A 1 ? 0.2541 0.1552 0.1864 -0.0819 -0.0057 -0.0007 1   DT  A "C3'" 
6   O  "O3'" . DT  A 1 ? 0.2689 0.1474 0.1953 -0.0793 -0.0252 -0.0200 1   DT  A "O3'" 
7   C  "C2'" . DT  A 1 ? 0.2357 0.1718 0.2866 -0.0760 -0.0498 -0.0422 1   DT  A "C2'" 
8   C  "C1'" . DT  A 1 ? 0.2902 0.1741 0.2360 -0.0866 -0.0644 0.0132  1   DT  A "C1'" 
9   N  N1    . DT  A 1 ? 0.2889 0.1812 0.1772 -0.0527 -0.0289 -0.0401 1   DT  A N1    
10  C  C2    . DT  A 1 ? 0.2539 0.1879 0.1669 -0.0093 0.0132  -0.0435 1   DT  A C2    
11  O  O2    . DT  A 1 ? 0.2115 0.1593 0.1381 -0.0010 0.0071  -0.0331 1   DT  A O2    
12  N  N3    . DT  A 1 ? 0.2721 0.1888 0.1537 0.0135  0.0295  -0.0597 1   DT  A N3    
13  C  C4    . DT  A 1 ? 0.4321 0.2601 0.1745 -0.0219 0.0403  -0.0956 1   DT  A C4    
14  O  O4    . DT  A 1 ? 0.3605 0.3044 0.1983 0.0008  0.0803  -0.0899 1   DT  A O4    
15  C  C5    . DT  A 1 ? 0.4586 0.2559 0.1583 -0.0534 0.0268  -0.0712 1   DT  A C5    
16  C  C7    . DT  A 1 ? 0.6253 0.4431 0.1902 -0.0789 0.0964  -0.1325 1   DT  A C7    
17  C  C6    . DT  A 1 ? 0.4666 0.2168 0.1534 -0.0649 -0.0445 -0.0660 1   DT  A C6    
18  P  P     . DC  A 2 ? 0.2808 0.1702 0.1682 -0.0427 -0.0224 -0.0293 2   DC  A P     
19  O  OP1   . DC  A 2 ? 0.2696 0.1852 0.1977 -0.0442 -0.0313 -0.0410 2   DC  A OP1   
20  O  OP2   . DC  A 2 ? 0.3090 0.1934 0.1759 -0.0068 -0.0377 -0.0453 2   DC  A OP2   
21  O  "O5'" . DC  A 2 ? 0.2558 0.1534 0.1319 -0.0312 0.0181  -0.0136 2   DC  A "O5'" 
22  C  "C5'" . DC  A 2 ? 0.2758 0.1650 0.1072 -0.0440 0.0007  -0.0147 2   DC  A "C5'" 
23  C  "C4'" . DC  A 2 ? 0.2073 0.1530 0.1087 -0.0335 0.0292  0.0032  2   DC  A "C4'" 
24  O  "O4'" . DC  A 2 ? 0.1955 0.1656 0.1155 -0.0380 0.0167  -0.0048 2   DC  A "O4'" 
25  C  "C3'" . DC  A 2 ? 0.1762 0.1527 0.1037 -0.0517 0.0090  -0.0130 2   DC  A "C3'" 
26  O  "O3'" . DC  A 2 ? 0.1851 0.1742 0.1264 -0.0651 0.0295  0.0093  2   DC  A "O3'" 
27  C  "C2'" . DC  A 2 ? 0.2032 0.1745 0.1276 -0.0506 0.0474  -0.0084 2   DC  A "C2'" 
28  C  "C1'" . DC  A 2 ? 0.1784 0.1402 0.1574 -0.0379 0.0396  -0.0193 2   DC  A "C1'" 
29  N  N1    . DC  A 2 ? 0.1748 0.1514 0.1088 -0.0292 0.0263  -0.0089 2   DC  A N1    
30  C  C2    . DC  A 2 ? 0.1900 0.1543 0.0808 -0.0317 0.0385  -0.0084 2   DC  A C2    
31  O  O2    . DC  A 2 ? 0.2045 0.1575 0.1036 -0.0428 0.0456  -0.0261 2   DC  A O2    
32  N  N3    . DC  A 2 ? 0.1890 0.1564 0.0820 -0.0376 0.0321  -0.0158 2   DC  A N3    
33  C  C4    . DC  A 2 ? 0.2049 0.1643 0.1151 -0.0196 0.0334  -0.0258 2   DC  A C4    
34  N  N4    . DC  A 2 ? 0.2197 0.1844 0.1544 -0.0316 0.0415  -0.0604 2   DC  A N4    
35  C  C5    . DC  A 2 ? 0.1845 0.1999 0.1368 -0.0207 0.0183  -0.0425 2   DC  A C5    
36  C  C6    . DC  A 2 ? 0.1960 0.1586 0.1263 -0.0450 0.0149  -0.0350 2   DC  A C6    
37  P  P     . DG  A 3 ? 0.1869 0.1777 0.1267 -0.0687 0.0240  0.0015  3   DG  A P     
38  O  OP1   . DG  A 3 ? 0.2006 0.1900 0.1609 -0.0828 0.0429  0.0069  3   DG  A OP1   
39  O  OP2   . DG  A 3 ? 0.1968 0.1849 0.1167 -0.0785 0.0191  -0.0105 3   DG  A OP2   
40  O  "O5'" . DG  A 3 ? 0.1743 0.1570 0.1237 -0.0604 0.0424  -0.0121 3   DG  A "O5'" 
41  C  "C5'" . DG  A 3 ? 0.1799 0.1653 0.1335 -0.0379 0.0177  -0.0076 3   DG  A "C5'" 
42  C  "C4'" . DG  A 3 ? 0.1574 0.1593 0.1147 -0.0162 0.0174  -0.0080 3   DG  A "C4'" 
43  O  "O4'" . DG  A 3 ? 0.1606 0.1515 0.1085 -0.0407 0.0299  0.0025  3   DG  A "O4'" 
44  C  "C3'" . DG  A 3 ? 0.1326 0.1774 0.1207 -0.0254 0.0219  0.0013  3   DG  A "C3'" 
45  O  "O3'" . DG  A 3 ? 0.1479 0.2500 0.1398 -0.0234 0.0403  0.0587  3   DG  A "O3'" 
46  C  "C2'" . DG  A 3 ? 0.1509 0.1537 0.1410 -0.0347 0.0462  -0.0238 3   DG  A "C2'" 
47  C  "C1'" . DG  A 3 ? 0.1741 0.1235 0.1240 -0.0537 0.0476  -0.0187 3   DG  A "C1'" 
48  N  N9    . DG  A 3 ? 0.1607 0.1228 0.0889 -0.0487 0.0279  -0.0119 3   DG  A N9    
49  C  C8    . DG  A 3 ? 0.1336 0.1529 0.0980 -0.0617 0.0241  -0.0139 3   DG  A C8    
50  N  N7    . DG  A 3 ? 0.1638 0.1156 0.0906 -0.0584 0.0195  -0.0135 3   DG  A N7    
51  C  C5    . DG  A 3 ? 0.1401 0.1268 0.1103 -0.0602 0.0229  -0.0167 3   DG  A C5    
52  C  C6    . DG  A 3 ? 0.1641 0.1447 0.0798 -0.0433 0.0245  -0.0148 3   DG  A C6    
53  O  O6    . DG  A 3 ? 0.1560 0.1464 0.0916 -0.0454 0.0259  -0.0274 3   DG  A O6    
54  N  N1    . DG  A 3 ? 0.1520 0.1361 0.0768 -0.0380 0.0227  -0.0227 3   DG  A N1    
55  C  C2    . DG  A 3 ? 0.1576 0.1212 0.0664 -0.0398 0.0155  -0.0054 3   DG  A C2    
56  N  N2    . DG  A 3 ? 0.1296 0.1336 0.1205 -0.0422 0.0154  -0.0173 3   DG  A N2    
57  N  N3    . DG  A 3 ? 0.1693 0.1473 0.1041 -0.0569 0.0395  -0.0192 3   DG  A N3    
58  C  C4    . DG  A 3 ? 0.1633 0.1305 0.1158 -0.0483 0.0389  -0.0083 3   DG  A C4    
59  P  P     . DG  A 4 ? 0.1701 0.2584 0.2248 -0.0348 0.0345  0.0746  4   DG  A P     
60  O  OP1   . DG  A 4 ? 0.1838 0.3919 0.3168 0.0070  0.0633  0.1654  4   DG  A OP1   
61  O  OP2   . DG  A 4 ? 0.2813 0.2145 0.3276 -0.1013 -0.0779 0.1208  4   DG  A OP2   
62  O  "O5'" . DG  A 4 ? 0.1881 0.1601 0.1674 -0.0272 0.0145  0.0313  4   DG  A "O5'" 
63  C  "C5'" . DG  A 4 ? 0.1976 0.1650 0.1475 0.0044  0.0379  0.0109  4   DG  A "C5'" 
64  C  "C4'" . DG  A 4 ? 0.1821 0.1232 0.1537 -0.0234 0.0144  0.0004  4   DG  A "C4'" 
65  O  "O4'" . DG  A 4 ? 0.1796 0.1790 0.1244 -0.0300 0.0148  -0.0170 4   DG  A "O4'" 
66  C  "C3'" . DG  A 4 ? 0.1411 0.1516 0.1392 -0.0276 0.0113  -0.0045 4   DG  A "C3'" 
67  O  "O3'" . DG  A 4 ? 0.1817 0.1743 0.1643 -0.0486 -0.0067 0.0073  4   DG  A "O3'" 
68  C  "C2'" . DG  A 4 ? 0.1824 0.1385 0.1269 -0.0335 0.0036  0.0015  4   DG  A "C2'" 
69  C  "C1'" . DG  A 4 ? 0.1720 0.1520 0.1342 -0.0503 0.0202  -0.0057 4   DG  A "C1'" 
70  N  N9    . DG  A 4 ? 0.1734 0.1546 0.1057 -0.0524 0.0249  -0.0137 4   DG  A N9    
71  C  C8    . DG  A 4 ? 0.1621 0.1547 0.1117 -0.0408 0.0110  -0.0079 4   DG  A C8    
72  N  N7    . DG  A 4 ? 0.1720 0.1276 0.1083 -0.0440 0.0141  -0.0073 4   DG  A N7    
73  C  C5    . DG  A 4 ? 0.1917 0.1548 0.0921 -0.0644 0.0109  -0.0279 4   DG  A C5    
74  C  C6    . DG  A 4 ? 0.1648 0.1450 0.0650 -0.0620 0.0266  -0.0261 4   DG  A C6    
75  O  O6    . DG  A 4 ? 0.1717 0.1119 0.1206 -0.0446 0.0404  -0.0211 4   DG  A O6    
76  N  N1    . DG  A 4 ? 0.1521 0.1367 0.0895 -0.0473 0.0323  -0.0280 4   DG  A N1    
77  C  C2    . DG  A 4 ? 0.1723 0.1350 0.0973 -0.0502 0.0082  -0.0230 4   DG  A C2    
78  N  N2    . DG  A 4 ? 0.1880 0.1077 0.1315 -0.0399 0.0567  -0.0326 4   DG  A N2    
79  N  N3    . DG  A 4 ? 0.1681 0.1358 0.0935 -0.0517 0.0268  -0.0141 4   DG  A N3    
80  C  C4    . DG  A 4 ? 0.1598 0.1669 0.0948 -0.0598 0.0415  -0.0436 4   DG  A C4    
81  P  P     . DC  A 5 ? 0.1936 0.1879 0.1670 -0.0365 0.0024  0.0132  5   DC  A P     
82  O  OP1   . DC  A 5 ? 0.2054 0.2607 0.2294 -0.0015 0.0172  -0.0208 5   DC  A OP1   
83  O  OP2   . DC  A 5 ? 0.2192 0.2139 0.1855 -0.0600 -0.0266 0.0077  5   DC  A OP2   
84  O  "O5'" . DC  A 5 ? 0.2394 0.1519 0.1511 -0.0594 -0.0031 -0.0111 5   DC  A "O5'" 
85  C  "C5'" . DC  A 5 ? 0.1984 0.1402 0.1669 -0.0308 -0.0097 -0.0163 5   DC  A "C5'" 
86  C  "C4'" . DC  A 5 ? 0.2105 0.2175 0.1287 -0.0859 0.0019  0.0057  5   DC  A "C4'" 
87  O  "O4'" . DC  A 5 ? 0.2259 0.1333 0.1399 -0.0382 -0.0151 -0.0381 5   DC  A "O4'" 
88  C  "C3'" . DC  A 5 ? 0.3254 0.2640 0.1185 -0.0498 0.0363  0.0236  5   DC  A "C3'" 
89  O  "O3'" . DC  A 5 ? 0.2111 0.1681 0.1248 -0.0358 0.0179  -0.0060 5   DC  A "O3'" 
90  C  "C2'" . DC  A 5 ? 0.3048 0.2348 0.2109 -0.0744 0.0556  -0.0044 5   DC  A "C2'" 
91  C  "C1'" . DC  A 5 ? 0.4599 0.1475 0.2120 -0.0476 0.1022  -0.0609 5   DC  A "C1'" 
92  N  N1    . DC  A 5 ? 0.3115 0.1586 0.1097 -0.0155 0.0338  -0.0179 5   DC  A N1    
93  C  C2    . DC  A 5 ? 0.2831 0.1381 0.1268 -0.0533 0.0416  -0.0454 5   DC  A C2    
94  O  O2    . DC  A 5 ? 0.3547 0.1528 0.1629 -0.0593 0.1058  -0.0303 5   DC  A O2    
95  N  N3    . DC  A 5 ? 0.2339 0.1413 0.0938 -0.0525 0.0231  -0.0379 5   DC  A N3    
96  C  C4    . DC  A 5 ? 0.2117 0.1450 0.0969 -0.0674 0.0015  -0.0381 5   DC  A C4    
97  N  N4    . DC  A 5 ? 0.1701 0.1216 0.1098 -0.0438 0.0165  -0.0259 5   DC  A N4    
98  C  C5    . DC  A 5 ? 0.2669 0.1577 0.1085 -0.0130 -0.0213 -0.0337 5   DC  A C5    
99  C  C6    . DC  A 5 ? 0.2165 0.1684 0.1508 0.0017  0.0000  -0.0786 5   DC  A C6    
100 P  P     . DG  A 6 ? 0.2345 0.1887 0.1645 -0.0142 -0.0052 -0.0136 6   DG  A P     
101 O  OP1   . DG  A 6 ? 0.3849 0.2174 0.2221 0.0705  -0.0334 -0.0296 6   DG  A OP1   
102 O  OP2   . DG  A 6 ? 0.2170 0.3591 0.2004 0.0055  0.0200  -0.0462 6   DG  A OP2   
103 O  "O5'" . DG  A 6 ? 0.2117 0.1661 0.1244 -0.0602 0.0096  -0.0204 6   DG  A "O5'" 
104 C  "C5'" . DG  A 6 ? 0.2561 0.1407 0.1574 -0.0834 0.0310  -0.0326 6   DG  A "C5'" 
105 C  "C4'" . DG  A 6 ? 0.3572 0.1434 0.1711 -0.1092 0.0349  -0.0958 6   DG  A "C4'" 
106 O  "O4'" . DG  A 6 ? 0.2861 0.1662 0.2397 -0.0868 0.0314  -0.0945 6   DG  A "O4'" 
107 C  "C3'" . DG  A 6 ? 0.2956 0.1620 0.1786 -0.0912 0.0305  -0.0438 6   DG  A "C3'" 
108 O  "O3'" . DG  A 6 ? 0.4448 0.1961 0.1913 -0.1708 0.0913  -0.0812 6   DG  A "O3'" 
109 C  "C2'" . DG  A 6 ? 0.3297 0.2071 0.1406 -0.1478 0.0426  -0.0329 6   DG  A "C2'" 
110 C  "C1'" . DG  A 6 ? 0.2953 0.1419 0.1639 -0.1055 0.0441  -0.0656 6   DG  A "C1'" 
111 N  N9    . DG  A 6 ? 0.2193 0.1627 0.1382 -0.0824 0.0554  -0.0533 6   DG  A N9    
112 C  C8    . DG  A 6 ? 0.2271 0.1466 0.1356 -0.0549 0.0131  -0.0398 6   DG  A C8    
113 N  N7    . DG  A 6 ? 0.2007 0.1622 0.1104 -0.0533 0.0111  -0.0256 6   DG  A N7    
114 C  C5    . DG  A 6 ? 0.2005 0.1607 0.1063 -0.0944 0.0010  -0.0343 6   DG  A C5    
115 C  C6    . DG  A 6 ? 0.1762 0.1592 0.0799 -0.0692 0.0123  -0.0296 6   DG  A C6    
116 O  O6    . DG  A 6 ? 0.1606 0.1576 0.0965 -0.0530 0.0280  -0.0316 6   DG  A O6    
117 N  N1    . DG  A 6 ? 0.1774 0.1629 0.1342 -0.0799 0.0509  -0.0582 6   DG  A N1    
118 C  C2    . DG  A 6 ? 0.2229 0.1917 0.1891 -0.0921 0.0690  -0.0542 6   DG  A C2    
119 N  N2    . DG  A 6 ? 0.2475 0.2154 0.4045 -0.1132 0.1711  -0.1458 6   DG  A N2    
120 N  N3    . DG  A 6 ? 0.2435 0.1901 0.2269 -0.0937 0.1037  -0.0883 6   DG  A N3    
121 C  C4    . DG  A 6 ? 0.2090 0.1431 0.1339 -0.0882 0.0258  -0.0580 6   DG  A C4    
122 P  P     . DC  A 7 ? 0.6843 0.1766 0.1413 -0.1199 0.0660  -0.0321 7   DC  A P     
124 O  OP2   . DC  A 7 ? 0.6821 0.2445 0.2181 -0.0404 -0.0161 -0.0496 7   DC  A OP2   
125 O  "O5'" . DC  A 7 ? 0.4575 0.1762 0.1547 -0.1101 0.0247  -0.0510 7   DC  A "O5'" 
126 C  "C5'" . DC  A 7 ? 0.3208 0.1838 0.1664 -0.1205 0.0199  -0.0636 7   DC  A "C5'" 
127 C  "C4'" . DC  A 7 ? 0.2540 0.1577 0.1548 -0.0981 0.0245  -0.0385 7   DC  A "C4'" 
128 O  "O4'" . DC  A 7 ? 0.2271 0.2177 0.1449 -0.1325 0.0478  -0.0440 7   DC  A "O4'" 
129 C  "C3'" . DC  A 7 ? 0.2121 0.1443 0.1335 -0.0822 0.0514  -0.0495 7   DC  A "C3'" 
130 O  "O3'" . DC  A 7 ? 0.2185 0.1678 0.1608 -0.0852 0.0372  -0.0402 7   DC  A "O3'" 
131 C  "C2'" . DC  A 7 ? 0.2175 0.1461 0.1381 -0.0746 0.0142  -0.0383 7   DC  A "C2'" 
132 C  "C1'" . DC  A 7 ? 0.1697 0.1549 0.1436 -0.0660 0.0441  -0.0173 7   DC  A "C1'" 
133 N  N1    . DC  A 7 ? 0.1809 0.1414 0.1102 -0.0723 0.0300  -0.0476 7   DC  A N1    
134 C  C2    . DC  A 7 ? 0.1924 0.1484 0.1074 -0.0958 0.0189  -0.0265 7   DC  A C2    
135 O  O2    . DC  A 7 ? 0.1888 0.1621 0.1707 -0.0588 0.0554  -0.0204 7   DC  A O2    
136 N  N3    . DC  A 7 ? 0.2002 0.1148 0.1191 -0.0577 0.0459  -0.0333 7   DC  A N3    
137 C  C4    . DC  A 7 ? 0.1992 0.1533 0.1031 -0.0411 0.0137  -0.0504 7   DC  A C4    
138 N  N4    . DC  A 7 ? 0.1750 0.1355 0.1320 -0.0415 0.0344  -0.0564 7   DC  A N4    
139 C  C5    . DC  A 7 ? 0.1547 0.1584 0.1400 -0.0396 0.0289  -0.0414 7   DC  A C5    
140 C  C6    . DC  A 7 ? 0.1985 0.1378 0.1500 -0.0629 0.0434  -0.0470 7   DC  A C6    
141 P  P     . DC  A 8 ? 0.2808 0.1538 0.1670 -0.0560 0.0250  -0.0286 8   DC  A P     
142 O  OP1   . DC  A 8 ? 0.3635 0.2273 0.1650 -0.1433 0.0505  0.0175  8   DC  A OP1   
143 O  OP2   . DC  A 8 ? 0.3436 0.1873 0.1990 -0.0199 -0.0065 -0.0153 8   DC  A OP2   
144 O  "O5'" . DC  A 8 ? 0.2174 0.1523 0.1569 -0.0629 0.0261  -0.0290 8   DC  A "O5'" 
145 C  "C5'" . DC  A 8 ? 0.2037 0.1699 0.1363 -0.0754 0.0534  -0.0322 8   DC  A "C5'" 
146 C  "C4'" . DC  A 8 ? 0.1881 0.1544 0.1420 -0.0655 0.0245  -0.0069 8   DC  A "C4'" 
147 O  "O4'" . DC  A 8 ? 0.1649 0.1701 0.1578 -0.0528 0.0326  0.0261  8   DC  A "O4'" 
148 C  "C3'" . DC  A 8 ? 0.2244 0.1711 0.1573 -0.0487 0.0182  0.0062  8   DC  A "C3'" 
149 O  "O3'" . DC  A 8 ? 0.2047 0.2621 0.1172 -0.0731 0.0056  0.0065  8   DC  A "O3'" 
150 C  "C2'" . DC  A 8 ? 0.2070 0.1806 0.1440 -0.0561 0.0218  -0.0143 8   DC  A "C2'" 
151 C  "C1'" . DC  A 8 ? 0.1860 0.1738 0.1592 -0.0893 0.0364  0.0030  8   DC  A "C1'" 
152 N  N1    . DC  A 8 ? 0.1562 0.1264 0.1255 -0.0487 0.0294  -0.0125 8   DC  A N1    
153 C  C2    . DC  A 8 ? 0.1220 0.1613 0.1397 -0.0525 0.0192  -0.0055 8   DC  A C2    
154 O  O2    . DC  A 8 ? 0.1663 0.1472 0.1400 -0.0520 0.0260  -0.0150 8   DC  A O2    
155 N  N3    . DC  A 8 ? 0.1557 0.1396 0.1251 -0.0521 0.0135  -0.0300 8   DC  A N3    
156 C  C4    . DC  A 8 ? 0.1501 0.1715 0.1256 -0.0636 0.0140  -0.0121 8   DC  A C4    
157 N  N4    . DC  A 8 ? 0.2005 0.1354 0.1248 -0.0567 0.0279  -0.0332 8   DC  A N4    
158 C  C5    . DC  A 8 ? 0.2074 0.1327 0.1561 -0.0623 0.0104  -0.0210 8   DC  A C5    
159 C  C6    . DC  A 8 ? 0.2138 0.1388 0.1615 -0.0649 0.0040  -0.0107 8   DC  A C6    
160 P  P     . DG  A 9 ? 0.2631 0.2464 0.1647 -0.0665 -0.0064 0.0192  9   DG  A P     
161 O  OP1   . DG  A 9 ? 0.3177 0.4180 0.1475 -0.0507 0.0134  -0.0037 9   DG  A OP1   
162 O  OP2   . DG  A 9 ? 0.3389 0.2538 0.2190 -0.0767 -0.0552 0.0159  9   DG  A OP2   
163 O  "O5'" . DG  A 9 ? 0.2184 0.2325 0.1516 -0.0486 -0.0213 0.0100  9   DG  A "O5'" 
164 C  "C5'" . DG  A 9 ? 0.2123 0.2397 0.2243 -0.0736 -0.0101 -0.0105 9   DG  A "C5'" 
165 C  "C4'" . DG  A 9 ? 0.2626 0.2180 0.2365 -0.0673 0.0244  -0.0709 9   DG  A "C4'" 
166 O  "O4'" . DG  A 9 ? 0.2242 0.2414 0.1983 -0.0728 -0.0058 -0.0335 9   DG  A "O4'" 
167 C  "C3'" . DG  A 9 ? 0.2426 0.3585 0.2811 -0.0086 0.0763  -0.0041 9   DG  A "C3'" 
168 O  "O3'" . DG  A 9 ? 0.2904 0.7173 0.2710 -0.0715 -0.0852 -0.1490 9   DG  A "O3'" 
169 C  "C2'" . DG  A 9 ? 0.1967 0.3719 0.1951 -0.0131 0.0010  0.0018  9   DG  A "C2'" 
170 C  "C1'" . DG  A 9 ? 0.1936 0.3427 0.1790 -0.0562 -0.0208 -0.0522 9   DG  A "C1'" 
171 N  N9    . DG  A 9 ? 0.1826 0.2466 0.1752 -0.0512 0.0192  -0.0337 9   DG  A N9    
172 C  C8    . DG  A 9 ? 0.2577 0.2189 0.1849 -0.0698 -0.0465 0.0233  9   DG  A C8    
173 N  N7    . DG  A 9 ? 0.2059 0.1868 0.2114 -0.0663 -0.0130 -0.0342 9   DG  A N7    
174 C  C5    . DG  A 9 ? 0.1377 0.1938 0.2208 -0.0783 -0.0017 -0.0177 9   DG  A C5    
175 C  C6    . DG  A 9 ? 0.1931 0.1737 0.1953 -0.0310 0.0110  -0.0148 9   DG  A C6    
176 O  O6    . DG  A 9 ? 0.2019 0.1604 0.1827 -0.0732 0.0046  -0.0225 9   DG  A O6    
177 N  N1    . DG  A 9 ? 0.1447 0.1797 0.1619 -0.0470 0.0160  -0.0298 9   DG  A N1    
178 C  C2    . DG  A 9 ? 0.1344 0.1613 0.1606 -0.0343 0.0083  -0.0326 9   DG  A C2    
179 N  N2    . DG  A 9 ? 0.1778 0.1595 0.1632 -0.0494 0.0380  -0.0454 9   DG  A N2    
180 N  N3    . DG  A 9 ? 0.1578 0.2126 0.1635 -0.0584 0.0118  -0.0207 9   DG  A N3    
181 C  C4    . DG  A 9 ? 0.1475 0.2440 0.1715 -0.0454 0.0033  -0.0334 9   DG  A C4    
203 BA BA    . BA  B . ? 0.1798 0.1387 0.1074 -0.0578 0.0173  -0.0198 101 BA  A BA    
204 C  C53   . RML C . ? 0.2755 0.5682 0.3287 -0.0236 0.1356  -0.0073 102 RML A C53   
205 C  C17   . RML C . ? 0.2844 0.2915 0.3122 -0.0122 0.1579  -0.0142 102 RML A C17   
206 C  C18   . RML C . ? 0.2863 0.2853 0.3081 0.0438  0.1157  -0.0450 102 RML A C18   
207 C  C52   . RML C . ? 0.3147 0.4926 0.4111 0.0517  0.1751  -0.1294 102 RML A C52   
208 C  C14   . RML C . ? 0.2615 0.2656 0.2091 -0.0005 0.0996  -0.0404 102 RML A C14   
209 C  C16   . RML C . ? 0.2389 0.2316 0.2058 -0.0185 0.0824  0.0201  102 RML A C16   
210 C  C15   . RML C . ? 0.2135 0.2213 0.1579 -0.0031 0.0787  0.0071  102 RML A C15   
211 N  N3    . RML C . ? 0.2221 0.1726 0.1677 -0.0180 0.0541  0.0067  102 RML A N3    
212 C  C13   . RML C . ? 0.2176 0.1956 0.1776 -0.0088 0.0657  -0.0082 102 RML A C13   
213 N  N4    . RML C . ? 0.2062 0.2151 0.1405 -0.0073 0.0534  -0.0194 102 RML A N4    
214 C  C7    . RML C . ? 0.2286 0.1863 0.1151 -0.0305 0.0462  -0.0065 102 RML A C7    
215 C  C6    . RML C . ? 0.1982 0.1924 0.1188 -0.0079 0.0341  -0.0052 102 RML A C6    
216 C  C5    . RML C . ? 0.2043 0.1413 0.1148 -0.0454 0.0362  -0.0102 102 RML A C5    
217 C  C4    . RML C . ? 0.1811 0.1407 0.1515 -0.0432 0.0322  -0.0084 102 RML A C4    
218 C  C3    . RML C . ? 0.1724 0.1661 0.1644 -0.0876 0.0315  -0.0386 102 RML A C3    
219 C  C2    . RML C . ? 0.1897 0.1374 0.1343 -0.0599 0.0186  -0.0172 102 RML A C2    
220 C  C8    . RML C . ? 0.2246 0.1739 0.0958 -0.0227 0.0370  -0.0070 102 RML A C8    
221 C  C10   . RML C . ? 0.1907 0.1395 0.0991 -0.0168 0.0360  -0.0071 102 RML A C10   
222 C  C1    . RML C . ? 0.1696 0.1731 0.1118 -0.0478 0.0276  0.0135  102 RML A C1    
223 N  N2    . RML C . ? 0.1445 0.1472 0.1267 -0.0445 0.0406  -0.0160 102 RML A N2    
224 N  N1    . RML C . ? 0.1614 0.1474 0.0933 -0.0372 0.0258  -0.0214 102 RML A N1    
225 C  C12   . RML C . ? 0.1853 0.1482 0.0938 -0.0276 0.0407  -0.0236 102 RML A C12   
226 C  C11   . RML C . ? 0.1977 0.1521 0.1145 -0.0335 0.0398  -0.0242 102 RML A C11   
227 C  C9    . RML C . ? 0.2389 0.1784 0.0787 0.0020  0.0636  -0.0076 102 RML A C9    
228 RU RU    . RML C . ? 0.1670 0.1454 0.1021 -0.0338 0.0334  -0.0196 102 RML A RU    
229 N  N8    . RML C . ? 0.1819 0.1490 0.0984 -0.0185 0.0412  -0.0171 102 RML A N8    
230 C  C28   . RML C . ? 0.1926 0.1713 0.1030 -0.0470 0.0180  -0.0260 102 RML A C28   
231 C  C27   . RML C . ? 0.2233 0.2142 0.0881 -0.0364 0.0156  -0.0583 102 RML A C27   
232 N  N7    . RML C . ? 0.1704 0.2259 0.1127 -0.0140 0.0495  -0.0728 102 RML A N7    
233 C  C26   . RML C . ? 0.1696 0.2331 0.0821 -0.0377 0.0370  -0.0533 102 RML A C26   
234 C  C25   . RML C . ? 0.2336 0.1811 0.0958 -0.0050 0.0293  -0.0151 102 RML A C25   
235 C  C24   . RML C . ? 0.2334 0.2250 0.1188 0.0253  0.0236  -0.0490 102 RML A C24   
236 C  C23   . RML C . ? 0.2993 0.1774 0.1167 0.0290  0.0440  -0.0292 102 RML A C23   
237 C  C22   . RML C . ? 0.2393 0.2389 0.1223 -0.0070 0.0561  -0.0314 102 RML A C22   
238 N  N6    . RML C . ? 0.2893 0.1806 0.1317 0.0369  0.0784  0.0043  102 RML A N6    
239 C  C19   . RML C . ? 0.3082 0.1568 0.0921 -0.0012 0.0880  -0.0139 102 RML A C19   
240 N  N5    . RML C . ? 0.1852 0.1548 0.1037 -0.0368 0.0534  0.0035  102 RML A N5    
241 C  C20   . RML C . ? 0.2639 0.1557 0.1409 -0.0314 0.0662  0.0099  102 RML A C20   
242 C  C21   . RML C . ? 0.3257 0.1230 0.1751 -0.0013 0.0877  0.0127  102 RML A C21   
243 N  N12   . RML C . ? 0.1552 0.1296 0.0791 -0.0509 0.0285  -0.0222 102 RML A N12   
244 C  C38   . RML C . ? 0.1414 0.1292 0.1178 -0.0266 0.0328  -0.0520 102 RML A C38   
245 C  C37   . RML C . ? 0.1669 0.1415 0.1129 -0.0369 0.0417  -0.0370 102 RML A C37   
246 N  N11   . RML C . ? 0.1458 0.1500 0.1112 -0.0473 0.0387  -0.0243 102 RML A N11   
247 C  C36   . RML C . ? 0.1293 0.1510 0.1013 -0.0329 0.0259  -0.0394 102 RML A C36   
248 C  C29   . RML C . ? 0.1372 0.1356 0.1149 -0.0547 0.0313  -0.0093 102 RML A C29   
249 N  N9    . RML C . ? 0.1393 0.1255 0.1036 -0.0445 0.0391  -0.0080 102 RML A N9    
250 C  C30   . RML C . ? 0.1572 0.1268 0.1270 -0.0437 0.0170  -0.0181 102 RML A C30   
251 C  C31   . RML C . ? 0.1579 0.1256 0.1460 -0.0365 0.0216  -0.0099 102 RML A C31   
252 C  C35   . RML C . ? 0.1194 0.1345 0.0978 -0.0371 0.0260  -0.0228 102 RML A C35   
253 C  C34   . RML C . ? 0.1399 0.1599 0.1131 -0.0325 0.0262  -0.0272 102 RML A C34   
254 C  C33   . RML C . ? 0.1308 0.1493 0.1204 -0.0476 0.0047  -0.0071 102 RML A C33   
255 C  C32   . RML C . ? 0.1346 0.1483 0.1138 -0.0444 0.0252  -0.0128 102 RML A C32   
256 N  N10   . RML C . ? 0.1505 0.1401 0.1112 -0.0474 0.0297  -0.0127 102 RML A N10   
257 CL CL    . CL  D . ? 0.2779 0.2446 0.2117 -0.0581 0.0415  -0.0074 103 CL  A CL    
258 O  O     . HOH E . ? 0.2218 0.1734 0.1324 -0.0719 0.0038  -0.0069 201 HOH A O     
259 O  O     . HOH E . ? 0.1846 0.1823 0.1194 -0.0613 0.0217  -0.0142 202 HOH A O     
260 O  O     . HOH E . ? 0.6289 0.2006 0.1861 -0.1603 -0.0180 -0.0076 203 HOH A O     
261 O  O     . HOH E . ? 0.2806 0.3012 0.3299 -0.0187 0.0532  -0.1557 204 HOH A O     
262 O  O     . HOH E . ? 0.2264 0.2642 0.1860 -0.0619 0.0455  -0.0216 205 HOH A O     
263 O  O     . HOH E . ? 0.2488 0.2090 0.3250 -0.0744 0.0813  -0.1079 206 HOH A O     
264 O  O     . HOH E . ? 0.1918 0.2596 0.4419 -0.0665 -0.0107 0.0666  207 HOH A O     
265 O  O     . HOH E . ? 0.2358 0.2636 0.2125 -0.0272 0.0562  -0.0186 208 HOH A O     
266 O  O     . HOH E . ? 0.3707 0.2286 0.2942 -0.1030 -0.0559 -0.0034 209 HOH A O     
267 O  O     . HOH E . ? 0.4458 0.4618 0.1817 0.0583  0.0010  0.0278  210 HOH A O     
268 O  O     . HOH E . ? 0.2060 0.3321 0.2705 -0.0517 0.0642  -0.0727 211 HOH A O     
269 O  O     . HOH E . ? 0.3790 0.2520 0.2641 -0.0540 0.0594  -0.0316 212 HOH A O     
270 O  O     . HOH E . ? 0.4083 0.2923 0.2281 -0.0136 -0.0416 -0.0674 213 HOH A O     
271 O  O     . HOH E . ? 0.3684 0.2457 0.2590 -0.0678 0.0815  -0.0319 214 HOH A O     
272 O  O     . HOH E . ? 0.3206 0.2767 0.2611 -0.0868 0.1096  0.0034  215 HOH A O     
273 O  O     . HOH E . ? 0.3643 0.2214 0.2232 0.0065  -0.0216 -0.0615 216 HOH A O     
274 O  O     . HOH E . ? 0.4753 0.3320 0.3156 0.0318  0.0666  0.0664  217 HOH A O     
275 O  O     . HOH E . ? 0.3188 0.2416 0.3660 -0.0228 -0.0571 -0.1329 218 HOH A O     
276 O  O     . HOH E . ? 0.3052 0.6178 0.2815 0.0215  0.0179  -0.1122 219 HOH A O     
277 O  O     . HOH E . ? 0.3465 0.2767 0.8655 -0.0123 0.1524  0.0719  220 HOH A O     
278 O  O     . HOH E . ? 0.5640 0.3339 0.2594 0.0021  0.0649  -0.0441 221 HOH A O     
279 O  O     . HOH E . ? 0.3359 0.4417 0.3812 -0.0347 -0.0164 -0.0130 222 HOH A O     
280 O  O     . HOH E . ? 0.2067 0.1672 0.1933 -0.0459 0.0515  0.0079  223 HOH A O     
281 O  O     . HOH E . ? 0.2549 0.1588 0.1200 -0.0945 0.0369  -0.0351 224 HOH A O     
282 O  O     . HOH E . ? 0.2109 0.1619 0.1487 -0.0320 0.0527  -0.0103 225 HOH A O     
283 O  O     . HOH E . ? 0.2941 0.2089 0.2425 -0.0789 0.0404  -0.0106 226 HOH A O     
284 O  O     . HOH E . ? 0.1705 0.1306 0.0962 -0.0739 -0.0220 -0.0102 227 HOH A O     
285 O  O     . HOH E . ? 0.1545 0.1320 0.1838 -0.0411 0.0563  -0.0350 228 HOH A O     
286 O  O     . HOH E . ? 0.2237 0.2168 0.1499 -0.0381 0.0207  -0.0293 229 HOH A O     
287 O  O     . HOH E . ? 0.2415 0.1489 0.4002 -0.0647 -0.0863 0.0256  230 HOH A O     
288 O  O     . HOH E . ? 0.3300 0.3923 0.1745 0.1082  -0.0595 -0.1214 231 HOH A O     
289 O  O     . HOH E . ? 0.3271 0.3492 0.2316 0.0238  0.0630  -0.0749 232 HOH A O     
290 O  O     . HOH E . ? 0.3683 0.2441 0.3023 -0.0074 0.0022  -0.0269 233 HOH A O     
291 O  O     . HOH E . ? 0.3023 0.4355 0.2012 -0.0881 0.0630  0.0198  234 HOH A O     
292 O  O     . HOH E . ? 0.4666 0.2658 0.2544 -0.0082 -0.0175 -0.0589 235 HOH A O     
293 O  O     . HOH E . ? 0.1918 0.1420 0.1450 -0.0446 0.0062  -0.0228 236 HOH A O     
294 O  O     . HOH E . ? 0.3937 0.3533 0.2764 -0.0674 0.0481  0.0065  237 HOH A O     
295 O  O     . HOH E . ? 0.6313 0.2552 0.2256 -0.0859 -0.0749 -0.0194 238 HOH A O     
296 O  O     . HOH E . ? 0.5609 0.3823 0.3075 -0.2351 0.0137  0.0008  239 HOH A O     
297 O  O     . HOH E . ? 0.6242 0.5678 0.2395 0.0549  0.1442  -0.1211 240 HOH A O     
298 O  O     . HOH E . ? 0.3190 0.5600 0.3453 -0.0598 0.0333  -0.0353 241 HOH A O     
299 O  O     . HOH E . ? 0.7413 0.4081 0.2902 -0.2036 0.1592  -0.0112 242 HOH A O     
300 O  O     . HOH E . ? 0.5481 0.3897 0.2567 0.0366  -0.0820 -0.0365 243 HOH A O     
301 O  O     . HOH E . ? 0.3428 0.3894 0.4376 -0.0944 0.0538  -0.1324 244 HOH A O     
302 O  O     . HOH E . ? 0.4162 0.5058 0.3084 0.1027  0.0773  0.0507  245 HOH A O     
303 O  O     . HOH E . ? 0.4044 0.3951 0.5068 -0.1860 0.0413  -0.1916 246 HOH A O     
304 O  O     . HOH E . ? 0.4655 0.4591 0.3414 -0.0926 0.0026  -0.0786 247 HOH A O     
305 O  O     . HOH E . ? 0.3197 0.2460 0.2850 -0.0885 0.1123  -0.0406 248 HOH A O     
306 O  O     . HOH E . ? 0.8980 2.0842 0.6850 -0.4663 -0.3360 0.5051  249 HOH A O     
307 O  O     . HOH E . ? 0.4189 0.8584 0.3607 -0.0980 0.0168  -0.0934 250 HOH A O     
308 O  O     . HOH E . ? 0.5971 0.5289 0.3396 -0.3288 -0.0913 0.0323  251 HOH A O     
309 O  O     . HOH E . ? 0.5744 0.7084 0.4286 -0.2109 0.1244  -0.0534 252 HOH A O     
310 O  O     . HOH E . ? 0.2516 0.9569 0.8584 0.0759  -0.1133 -0.7961 253 HOH A O     
311 O  O     . HOH E . ? 0.6172 0.5387 0.2968 -0.2638 -0.0069 0.0947  254 HOH A O     
312 O  O     . HOH E . ? 0.6342 0.4746 0.4555 0.0305  0.0684  0.1627  255 HOH A O     
313 O  O     . HOH E . ? 0.2749 0.2474 0.4146 -0.0572 0.1164  -0.0564 256 HOH A O     
314 O  O     . HOH E . ? 0.7892 0.5829 0.4127 -0.3428 0.1716  -0.1184 257 HOH A O     
315 O  O     . HOH E . ? 0.6995 0.4098 0.3712 0.0827  0.0747  -0.0542 258 HOH A O     
316 O  O     . HOH E . ? 0.4337 0.5650 0.5886 0.0326  -0.1237 -0.3301 259 HOH A O     
317 O  O     . HOH E . ? 0.6936 0.4523 0.4927 -0.0623 0.0456  -0.1693 260 HOH A O     
318 O  O     . HOH E . ? 0.4630 0.6785 0.3147 -0.0262 -0.0034 0.0734  261 HOH A O     
319 O  O     . HOH E . ? 0.3887 0.7928 0.4005 -0.2402 -0.0845 0.1156  262 HOH A O     
320 O  O     . HOH E . ? 0.4149 0.4713 0.5634 -0.0703 0.1950  0.0108  263 HOH A O     
321 O  O     . HOH E . ? 0.3811 0.3703 0.6533 -0.0671 0.1339  -0.1498 264 HOH A O     
322 O  O     . HOH E . ? 0.4757 0.7474 0.3890 0.1549  0.1109  0.2342  265 HOH A O     
323 O  O     . HOH E . ? 0.6622 0.4337 0.4015 -0.1125 0.0610  -0.1285 266 HOH A O     
324 O  O     . HOH E . ? 0.7432 0.5021 0.3266 -0.2718 0.1699  -0.0997 267 HOH A O     
325 O  O     . HOH E . ? 0.5866 0.4393 0.4082 -0.1575 0.0538  -0.0486 268 HOH A O     
326 O  O     . HOH E . ? 0.4644 0.8708 0.6177 -0.0917 -0.0194 -0.0187 269 HOH A O     
327 O  O     . HOH E . ? 0.6561 0.4837 0.4802 0.0836  0.1349  -0.0724 270 HOH A O     
328 O  O     . HOH E . ? 0.4506 0.7388 0.8460 -0.2449 -0.0887 0.3082  271 HOH A O     
329 O  O     . HOH E . ? 0.2273 0.2205 0.1612 -0.0743 0.0175  0.0080  272 HOH A O     
330 O  O     . HOH E . ? 0.2236 0.3001 0.2716 -0.0843 0.0076  -0.0622 273 HOH A O     
331 O  O     . HOH E . ? 0.5350 0.3787 0.4966 0.2499  0.1124  -0.0959 274 HOH A O     
332 O  O     . HOH E . ? 1.2980 0.8283 0.5228 0.2166  -0.6941 -0.1464 275 HOH A O     
# 
